data_9H78
#
_entry.id   9H78
#
_cell.length_a   1.00
_cell.length_b   1.00
_cell.length_c   1.00
_cell.angle_alpha   90.00
_cell.angle_beta   90.00
_cell.angle_gamma   90.00
#
_symmetry.space_group_name_H-M   'P 1'
#
loop_
_entity.id
_entity.type
_entity.pdbx_description
1 polymer 'Uncharacterized ABC transporter ATP-binding protein MJ0035'
2 polymer 'Iron-sulfur cluster assembly SufBD family protein MJ0034'
3 non-polymer 'IRON/SULFUR CLUSTER'
#
loop_
_entity_poly.entity_id
_entity_poly.type
_entity_poly.pdbx_seq_one_letter_code
_entity_poly.pdbx_strand_id
1 'polypeptide(L)'
;GEFMVSIMLLKVEDLHVYRGNREILKGVNLTVEENEIHAIIGPNGAGKSTLAYTIMGISGYKPTKGRIIFKGVDIIDKNI
TERARMGMTLAWQEPARFEGIKVKNYLMLGMNEKYKKDKEIAEEKIREALKLVNLDPDKYLDRYVDETLSGGERKRIELA
SIICMEPDLAILDEPDSGIDIVSFDEIKRVFDYLKDKGCSLLVITHREELAEHADRVSLICAGEVIKSGDPKEVGEFYKK
ECGKCYKKVPDGK
;
A,C
2 'polypeptide(L)'
;GEFELMSIKEELMEIIEAIKYTSEKPEEIVHGKGPRIIVKESRIIDVQGDEGIILEGKEEDGKIKAKIIVKKGYKFKYPI
HMCFGITEENISQIIDVEIILEEDSSISLMSHCSFPKGKGIKHIMNGIIKIGKNAKFSYNEFHYHGMDGDILVKPTVKVE
IDEGGIYISNFTLTKGRIGTLDIEQEIIAKKDAIIDITTRTYAIKEDVVKVNEVVKLNGENAKCIIKSRGAAMDNSKISL
KLKIEGNAPYSKGHIDCAEIVKGNAEVESIPIVVVRDDKARITHEAAIGSVDKKQLETLMAKGLDEDEATEIIVKGMIGD
L
;
B,D
#
# COMPACT_ATOMS: atom_id res chain seq x y z
N ILE A 7 -6.60 -37.79 -28.18
CA ILE A 7 -5.66 -37.37 -27.11
C ILE A 7 -6.26 -36.17 -26.38
N MET A 8 -6.37 -36.22 -25.05
CA MET A 8 -6.92 -35.12 -24.24
C MET A 8 -6.08 -33.86 -24.33
N LEU A 9 -6.73 -32.69 -24.27
CA LEU A 9 -6.03 -31.39 -24.27
C LEU A 9 -5.20 -31.20 -22.98
N LEU A 10 -5.80 -31.43 -21.81
CA LEU A 10 -5.14 -31.42 -20.52
C LEU A 10 -5.53 -32.64 -19.70
N LYS A 11 -4.57 -33.24 -19.01
CA LYS A 11 -4.82 -34.24 -17.95
C LYS A 11 -3.98 -33.95 -16.71
N VAL A 12 -4.59 -34.04 -15.52
CA VAL A 12 -3.92 -33.86 -14.22
C VAL A 12 -4.03 -35.16 -13.42
N GLU A 13 -2.93 -35.73 -12.98
CA GLU A 13 -2.86 -37.07 -12.38
C GLU A 13 -2.31 -37.01 -10.94
N ASP A 14 -3.12 -37.40 -9.95
CA ASP A 14 -2.73 -37.58 -8.55
C ASP A 14 -1.88 -36.44 -7.94
N LEU A 15 -2.24 -35.18 -8.19
CA LEU A 15 -1.43 -34.00 -7.90
C LEU A 15 -1.46 -33.58 -6.40
N HIS A 16 -0.29 -33.45 -5.77
CA HIS A 16 -0.12 -32.86 -4.41
C HIS A 16 0.75 -31.60 -4.44
N VAL A 17 0.41 -30.58 -3.64
CA VAL A 17 1.13 -29.29 -3.59
C VAL A 17 1.26 -28.77 -2.15
N TYR A 18 2.41 -28.20 -1.82
CA TYR A 18 2.76 -27.63 -0.52
C TYR A 18 3.09 -26.13 -0.61
N ARG A 19 2.70 -25.35 0.41
CA ARG A 19 3.07 -23.93 0.61
C ARG A 19 3.81 -23.80 1.94
N GLY A 20 5.14 -23.86 1.90
CA GLY A 20 5.96 -24.04 3.10
C GLY A 20 5.67 -25.39 3.77
N ASN A 21 5.40 -25.39 5.08
CA ASN A 21 5.05 -26.60 5.83
C ASN A 21 3.56 -27.03 5.71
N ARG A 22 2.73 -26.33 4.92
CA ARG A 22 1.30 -26.62 4.78
C ARG A 22 0.97 -27.33 3.46
N GLU A 23 0.33 -28.49 3.53
CA GLU A 23 -0.23 -29.19 2.37
C GLU A 23 -1.57 -28.56 1.95
N ILE A 24 -1.75 -28.18 0.68
CA ILE A 24 -2.98 -27.54 0.20
C ILE A 24 -3.80 -28.45 -0.73
N LEU A 25 -3.18 -29.02 -1.76
CA LEU A 25 -3.82 -29.97 -2.69
C LEU A 25 -3.38 -31.40 -2.37
N LYS A 26 -4.33 -32.35 -2.36
CA LYS A 26 -4.17 -33.68 -1.75
C LYS A 26 -4.51 -34.83 -2.72
N GLY A 27 -4.09 -34.72 -3.98
CA GLY A 27 -4.27 -35.77 -4.99
C GLY A 27 -5.47 -35.53 -5.91
N VAL A 28 -5.62 -34.33 -6.48
CA VAL A 28 -6.69 -34.07 -7.45
C VAL A 28 -6.45 -34.80 -8.78
N ASN A 29 -7.53 -35.24 -9.43
CA ASN A 29 -7.53 -35.77 -10.79
C ASN A 29 -8.51 -34.96 -11.66
N LEU A 30 -8.09 -34.47 -12.82
CA LEU A 30 -8.90 -33.66 -13.72
C LEU A 30 -8.59 -33.99 -15.18
N THR A 31 -9.53 -33.68 -16.08
CA THR A 31 -9.35 -33.77 -17.53
C THR A 31 -10.14 -32.66 -18.20
N VAL A 32 -9.64 -32.07 -19.28
CA VAL A 32 -10.36 -31.10 -20.10
C VAL A 32 -10.32 -31.55 -21.55
N GLU A 33 -11.47 -31.59 -22.22
CA GLU A 33 -11.60 -32.02 -23.62
C GLU A 33 -11.49 -30.83 -24.60
N GLU A 34 -11.25 -31.07 -25.87
CA GLU A 34 -11.25 -30.00 -26.88
C GLU A 34 -12.64 -29.34 -27.00
N ASN A 35 -12.67 -28.00 -27.13
CA ASN A 35 -13.89 -27.22 -27.32
C ASN A 35 -14.95 -27.44 -26.19
N GLU A 36 -14.51 -27.41 -24.94
CA GLU A 36 -15.31 -27.58 -23.72
C GLU A 36 -15.17 -26.37 -22.77
N ILE A 37 -16.21 -26.04 -22.02
CA ILE A 37 -16.16 -25.17 -20.84
C ILE A 37 -16.31 -26.01 -19.57
N HIS A 38 -15.28 -26.06 -18.72
CA HIS A 38 -15.30 -26.80 -17.45
C HIS A 38 -15.11 -25.83 -16.27
N ALA A 39 -16.08 -25.78 -15.35
CA ALA A 39 -16.07 -24.87 -14.21
C ALA A 39 -15.77 -25.56 -12.88
N ILE A 40 -14.93 -24.95 -12.05
CA ILE A 40 -14.60 -25.39 -10.70
C ILE A 40 -15.17 -24.41 -9.67
N ILE A 41 -15.83 -24.94 -8.65
CA ILE A 41 -16.51 -24.21 -7.57
C ILE A 41 -16.14 -24.80 -6.21
N GLY A 42 -16.44 -24.08 -5.13
CA GLY A 42 -16.16 -24.47 -3.76
C GLY A 42 -15.79 -23.27 -2.88
N PRO A 43 -15.54 -23.47 -1.58
CA PRO A 43 -15.17 -22.39 -0.67
C PRO A 43 -13.80 -21.79 -1.01
N ASN A 44 -13.67 -20.46 -0.88
CA ASN A 44 -12.41 -19.76 -1.16
C ASN A 44 -11.27 -20.22 -0.24
N GLY A 45 -10.05 -20.24 -0.78
CA GLY A 45 -8.83 -20.70 -0.09
C GLY A 45 -8.62 -22.22 0.02
N ALA A 46 -9.63 -23.04 -0.30
CA ALA A 46 -9.58 -24.50 -0.15
C ALA A 46 -8.93 -25.29 -1.31
N GLY A 47 -8.26 -24.62 -2.25
CA GLY A 47 -7.56 -25.24 -3.38
C GLY A 47 -7.71 -24.53 -4.74
N LYS A 48 -8.75 -23.71 -4.90
CA LYS A 48 -9.15 -23.06 -6.18
C LYS A 48 -8.02 -22.35 -6.93
N SER A 49 -7.36 -21.34 -6.34
CA SER A 49 -6.33 -20.55 -7.03
C SER A 49 -4.97 -21.23 -7.14
N THR A 50 -4.56 -22.04 -6.16
CA THR A 50 -3.26 -22.74 -6.20
C THR A 50 -3.19 -23.79 -7.32
N LEU A 51 -4.31 -24.43 -7.66
CA LEU A 51 -4.38 -25.32 -8.82
C LEU A 51 -4.10 -24.58 -10.14
N ALA A 52 -4.72 -23.41 -10.34
CA ALA A 52 -4.49 -22.57 -11.51
C ALA A 52 -3.04 -22.07 -11.65
N TYR A 53 -2.38 -21.68 -10.57
CA TYR A 53 -0.96 -21.30 -10.58
C TYR A 53 -0.03 -22.48 -10.87
N THR A 54 -0.33 -23.67 -10.35
CA THR A 54 0.49 -24.87 -10.51
C THR A 54 0.53 -25.37 -11.96
N ILE A 55 -0.57 -25.28 -12.71
CA ILE A 55 -0.60 -25.65 -14.13
C ILE A 55 0.17 -24.63 -14.99
N MET A 56 0.05 -23.33 -14.72
CA MET A 56 0.80 -22.28 -15.43
C MET A 56 2.30 -22.22 -15.04
N GLY A 57 2.68 -22.81 -13.90
CA GLY A 57 4.07 -22.93 -13.44
C GLY A 57 4.61 -21.72 -12.66
N ILE A 58 3.73 -20.86 -12.14
CA ILE A 58 4.08 -19.61 -11.45
C ILE A 58 5.00 -19.90 -10.25
N SER A 59 6.02 -19.06 -10.02
CA SER A 59 7.11 -19.40 -9.09
C SER A 59 6.63 -19.60 -7.63
N GLY A 60 7.14 -20.65 -6.98
CA GLY A 60 6.74 -21.07 -5.63
C GLY A 60 5.53 -22.03 -5.57
N TYR A 61 4.93 -22.39 -6.71
CA TYR A 61 3.87 -23.40 -6.83
C TYR A 61 4.38 -24.61 -7.61
N LYS A 62 4.89 -25.63 -6.90
CA LYS A 62 5.52 -26.84 -7.47
C LYS A 62 5.03 -28.12 -6.78
N PRO A 63 4.68 -29.18 -7.52
CA PRO A 63 4.15 -30.40 -6.92
C PRO A 63 5.20 -31.27 -6.23
N THR A 64 4.83 -31.93 -5.13
CA THR A 64 5.67 -32.94 -4.45
C THR A 64 5.44 -34.37 -4.99
N LYS A 65 4.27 -34.65 -5.56
CA LYS A 65 3.95 -35.87 -6.32
C LYS A 65 2.80 -35.63 -7.32
N GLY A 66 2.62 -36.55 -8.27
CA GLY A 66 1.66 -36.43 -9.38
C GLY A 66 2.27 -35.91 -10.68
N ARG A 67 1.45 -35.77 -11.73
CA ARG A 67 1.88 -35.36 -13.07
C ARG A 67 0.89 -34.38 -13.70
N ILE A 68 1.35 -33.56 -14.65
CA ILE A 68 0.52 -32.72 -15.49
C ILE A 68 0.92 -32.95 -16.95
N ILE A 69 -0.04 -33.32 -17.81
CA ILE A 69 0.19 -33.65 -19.22
C ILE A 69 -0.64 -32.72 -20.10
N PHE A 70 0.00 -31.97 -20.98
CA PHE A 70 -0.67 -31.06 -21.93
C PHE A 70 -0.39 -31.53 -23.37
N LYS A 71 -1.44 -31.73 -24.17
CA LYS A 71 -1.36 -32.28 -25.54
C LYS A 71 -0.57 -33.60 -25.68
N GLY A 72 -0.52 -34.41 -24.63
CA GLY A 72 0.24 -35.66 -24.60
C GLY A 72 1.73 -35.56 -24.23
N VAL A 73 2.23 -34.37 -23.89
CA VAL A 73 3.59 -34.13 -23.38
C VAL A 73 3.57 -33.84 -21.87
N ASP A 74 4.45 -34.44 -21.09
CA ASP A 74 4.62 -34.16 -19.65
C ASP A 74 5.46 -32.90 -19.43
N ILE A 75 4.90 -31.88 -18.76
CA ILE A 75 5.43 -30.50 -18.78
C ILE A 75 6.25 -30.08 -17.55
N ILE A 76 6.55 -30.97 -16.61
CA ILE A 76 7.17 -30.65 -15.31
C ILE A 76 8.53 -29.94 -15.38
N ASP A 77 9.27 -30.09 -16.47
CA ASP A 77 10.56 -29.40 -16.72
C ASP A 77 10.43 -28.00 -17.36
N LYS A 78 9.30 -27.66 -17.99
CA LYS A 78 9.17 -26.45 -18.83
C LYS A 78 8.88 -25.19 -18.01
N ASN A 79 9.47 -24.05 -18.38
CA ASN A 79 9.23 -22.75 -17.73
C ASN A 79 7.99 -22.01 -18.30
N ILE A 80 7.58 -20.90 -17.67
CA ILE A 80 6.37 -20.12 -18.03
C ILE A 80 6.36 -19.72 -19.52
N THR A 81 7.49 -19.30 -20.07
CA THR A 81 7.61 -18.93 -21.49
C THR A 81 7.41 -20.14 -22.42
N GLU A 82 7.95 -21.31 -22.07
CA GLU A 82 7.78 -22.54 -22.84
C GLU A 82 6.34 -23.10 -22.77
N ARG A 83 5.66 -23.00 -21.61
CA ARG A 83 4.22 -23.33 -21.48
C ARG A 83 3.33 -22.39 -22.30
N ALA A 84 3.60 -21.09 -22.29
CA ALA A 84 2.89 -20.12 -23.11
C ALA A 84 3.10 -20.31 -24.63
N ARG A 85 4.28 -20.77 -25.08
CA ARG A 85 4.58 -20.96 -26.52
C ARG A 85 3.71 -22.02 -27.21
N MET A 86 3.22 -23.02 -26.49
CA MET A 86 2.44 -24.15 -27.04
C MET A 86 0.91 -24.09 -26.82
N GLY A 87 0.36 -23.00 -26.28
CA GLY A 87 -1.09 -22.71 -26.31
C GLY A 87 -1.84 -22.61 -24.99
N MET A 88 -1.17 -22.32 -23.86
CA MET A 88 -1.76 -22.13 -22.53
C MET A 88 -1.60 -20.68 -22.03
N THR A 89 -2.60 -20.07 -21.36
CA THR A 89 -2.49 -18.71 -20.75
C THR A 89 -3.35 -18.55 -19.49
N LEU A 90 -2.96 -17.65 -18.58
CA LEU A 90 -3.64 -17.35 -17.30
C LEU A 90 -4.12 -15.89 -17.23
N ALA A 91 -5.27 -15.64 -16.58
CA ALA A 91 -5.68 -14.31 -16.10
C ALA A 91 -5.81 -14.28 -14.57
N TRP A 92 -5.07 -13.39 -13.91
CA TRP A 92 -5.04 -13.23 -12.44
C TRP A 92 -6.33 -12.61 -11.89
N GLN A 93 -6.66 -12.88 -10.63
CA GLN A 93 -7.81 -12.28 -9.96
C GLN A 93 -7.69 -10.75 -9.83
N GLU A 94 -6.54 -10.25 -9.38
CA GLU A 94 -6.15 -8.83 -9.33
C GLU A 94 -4.92 -8.60 -10.23
N PRO A 95 -5.11 -8.16 -11.49
CA PRO A 95 -4.02 -7.95 -12.44
C PRO A 95 -2.96 -6.91 -12.01
N ALA A 96 -1.75 -6.98 -12.58
CA ALA A 96 -0.65 -6.05 -12.34
C ALA A 96 -0.85 -4.65 -12.95
N ARG A 97 -0.25 -3.62 -12.34
CA ARG A 97 -0.23 -2.22 -12.81
C ARG A 97 1.16 -1.83 -13.32
N PHE A 98 1.25 -1.16 -14.47
CA PHE A 98 2.51 -0.79 -15.11
C PHE A 98 2.74 0.73 -15.15
N GLU A 99 3.90 1.20 -14.69
CA GLU A 99 4.39 2.56 -14.96
C GLU A 99 4.62 2.75 -16.47
N GLY A 100 3.91 3.69 -17.09
CA GLY A 100 4.21 4.18 -18.43
C GLY A 100 3.81 3.31 -19.62
N ILE A 101 2.98 2.27 -19.46
CA ILE A 101 2.51 1.43 -20.58
C ILE A 101 1.04 1.78 -20.90
N LYS A 102 0.78 2.08 -22.17
CA LYS A 102 -0.50 2.60 -22.70
C LYS A 102 -1.41 1.46 -23.18
N VAL A 103 -2.74 1.57 -23.06
CA VAL A 103 -3.67 0.45 -23.34
C VAL A 103 -3.52 -0.12 -24.76
N LYS A 104 -3.34 0.71 -25.79
CA LYS A 104 -3.11 0.24 -27.16
C LYS A 104 -1.78 -0.51 -27.39
N ASN A 105 -0.79 -0.37 -26.50
CA ASN A 105 0.46 -1.14 -26.55
C ASN A 105 0.31 -2.50 -25.84
N TYR A 106 -0.44 -2.54 -24.74
CA TYR A 106 -0.68 -3.73 -23.93
C TYR A 106 -1.49 -4.82 -24.66
N LEU A 107 -2.61 -4.47 -25.32
CA LEU A 107 -3.46 -5.44 -26.01
C LEU A 107 -2.82 -6.06 -27.27
N MET A 108 -1.84 -5.38 -27.87
CA MET A 108 -1.09 -5.83 -29.05
C MET A 108 -0.05 -6.92 -28.73
N LEU A 109 0.40 -7.00 -27.48
CA LEU A 109 1.63 -7.71 -27.10
C LEU A 109 1.55 -9.23 -27.23
N GLY A 110 0.47 -9.83 -26.73
CA GLY A 110 0.24 -11.29 -26.80
C GLY A 110 -0.59 -11.77 -28.00
N MET A 111 -0.92 -10.88 -28.95
CA MET A 111 -1.93 -11.12 -29.98
C MET A 111 -1.66 -12.40 -30.80
N ASN A 112 -2.72 -13.13 -31.14
CA ASN A 112 -2.60 -14.38 -31.90
C ASN A 112 -1.88 -14.19 -33.25
N GLU A 113 -1.04 -15.14 -33.63
CA GLU A 113 -0.20 -15.10 -34.82
C GLU A 113 -0.96 -14.98 -36.15
N LYS A 114 -2.27 -15.29 -36.20
CA LYS A 114 -3.12 -15.03 -37.39
C LYS A 114 -3.53 -13.57 -37.56
N TYR A 115 -3.57 -12.78 -36.48
CA TYR A 115 -3.93 -11.35 -36.53
C TYR A 115 -2.69 -10.43 -36.65
N LYS A 116 -1.55 -10.81 -36.06
CA LYS A 116 -0.30 -10.02 -36.06
C LYS A 116 0.29 -9.68 -37.43
N LYS A 117 -0.09 -10.37 -38.51
CA LYS A 117 0.52 -10.25 -39.85
C LYS A 117 0.09 -9.03 -40.67
N ASP A 118 -1.02 -8.37 -40.31
CA ASP A 118 -1.53 -7.17 -40.99
C ASP A 118 -2.01 -6.14 -39.95
N LYS A 119 -1.54 -4.89 -40.07
CA LYS A 119 -1.86 -3.84 -39.10
C LYS A 119 -3.34 -3.45 -39.08
N GLU A 120 -4.07 -3.57 -40.19
CA GLU A 120 -5.51 -3.25 -40.19
C GLU A 120 -6.34 -4.33 -39.48
N ILE A 121 -5.95 -5.60 -39.60
CA ILE A 121 -6.59 -6.70 -38.90
C ILE A 121 -6.31 -6.60 -37.40
N ALA A 122 -5.08 -6.24 -37.02
CA ALA A 122 -4.71 -6.01 -35.64
C ALA A 122 -5.48 -4.81 -35.02
N GLU A 123 -5.58 -3.70 -35.76
CA GLU A 123 -6.31 -2.50 -35.35
C GLU A 123 -7.82 -2.76 -35.14
N GLU A 124 -8.48 -3.46 -36.07
CA GLU A 124 -9.91 -3.77 -35.94
C GLU A 124 -10.20 -4.76 -34.81
N LYS A 125 -9.36 -5.77 -34.62
CA LYS A 125 -9.50 -6.75 -33.52
C LYS A 125 -9.50 -6.07 -32.16
N ILE A 126 -8.66 -5.06 -31.92
CA ILE A 126 -8.60 -4.36 -30.63
C ILE A 126 -9.88 -3.55 -30.36
N ARG A 127 -10.44 -2.87 -31.38
CA ARG A 127 -11.70 -2.13 -31.25
C ARG A 127 -12.91 -3.06 -31.07
N GLU A 128 -12.95 -4.19 -31.78
CA GLU A 128 -13.94 -5.27 -31.56
C GLU A 128 -13.87 -5.82 -30.13
N ALA A 129 -12.68 -6.14 -29.64
CA ALA A 129 -12.47 -6.69 -28.29
C ALA A 129 -12.86 -5.70 -27.18
N LEU A 130 -12.66 -4.39 -27.35
CA LEU A 130 -13.08 -3.37 -26.38
C LEU A 130 -14.60 -3.17 -26.36
N LYS A 131 -15.26 -3.16 -27.52
CA LYS A 131 -16.73 -3.12 -27.59
C LYS A 131 -17.39 -4.35 -26.98
N LEU A 132 -16.81 -5.54 -27.12
CA LEU A 132 -17.34 -6.79 -26.54
C LEU A 132 -17.41 -6.76 -25.00
N VAL A 133 -16.51 -6.05 -24.32
CA VAL A 133 -16.48 -5.90 -22.86
C VAL A 133 -17.21 -4.63 -22.36
N ASN A 134 -18.02 -3.98 -23.21
CA ASN A 134 -18.78 -2.77 -22.92
C ASN A 134 -17.93 -1.57 -22.43
N LEU A 135 -16.67 -1.45 -22.87
CA LEU A 135 -15.92 -0.19 -22.84
C LEU A 135 -16.13 0.59 -24.13
N ASP A 136 -15.85 1.90 -24.10
CA ASP A 136 -15.88 2.77 -25.28
C ASP A 136 -14.45 2.94 -25.83
N PRO A 137 -14.10 2.43 -27.03
CA PRO A 137 -12.72 2.38 -27.49
C PRO A 137 -11.98 3.73 -27.46
N ASP A 138 -12.53 4.77 -28.08
CA ASP A 138 -11.77 5.98 -28.40
C ASP A 138 -11.42 6.87 -27.20
N LYS A 139 -12.02 6.65 -26.01
CA LYS A 139 -11.58 7.26 -24.74
C LYS A 139 -10.61 6.42 -23.91
N TYR A 140 -10.49 5.11 -24.16
CA TYR A 140 -9.61 4.22 -23.37
C TYR A 140 -8.26 3.89 -24.02
N LEU A 141 -8.13 3.88 -25.35
CA LEU A 141 -6.91 3.42 -26.03
C LEU A 141 -5.63 4.18 -25.63
N ASP A 142 -5.71 5.47 -25.33
CA ASP A 142 -4.57 6.31 -24.96
C ASP A 142 -4.29 6.43 -23.45
N ARG A 143 -5.09 5.80 -22.57
CA ARG A 143 -4.85 5.80 -21.12
C ARG A 143 -3.78 4.79 -20.71
N TYR A 144 -3.10 5.03 -19.60
CA TYR A 144 -2.08 4.14 -19.06
C TYR A 144 -2.69 3.00 -18.24
N VAL A 145 -2.09 1.80 -18.28
CA VAL A 145 -2.48 0.63 -17.48
C VAL A 145 -1.91 0.73 -16.05
N ASP A 146 -2.13 1.86 -15.39
CA ASP A 146 -1.49 2.22 -14.12
C ASP A 146 -2.48 2.29 -12.93
N GLU A 147 -2.03 2.83 -11.80
CA GLU A 147 -2.81 3.00 -10.56
C GLU A 147 -4.03 3.93 -10.67
N THR A 148 -4.19 4.70 -11.76
CA THR A 148 -5.31 5.64 -11.95
C THR A 148 -6.65 4.94 -12.23
N LEU A 149 -6.64 3.78 -12.91
CA LEU A 149 -7.83 3.00 -13.25
C LEU A 149 -8.49 2.40 -12.00
N SER A 150 -9.82 2.34 -11.99
CA SER A 150 -10.57 1.60 -10.97
C SER A 150 -10.48 0.07 -11.16
N GLY A 151 -10.82 -0.69 -10.12
CA GLY A 151 -10.78 -2.16 -10.13
C GLY A 151 -11.64 -2.82 -11.21
N GLY A 152 -12.73 -2.19 -11.64
CA GLY A 152 -13.59 -2.67 -12.71
C GLY A 152 -13.08 -2.34 -14.11
N GLU A 153 -12.40 -1.20 -14.29
CA GLU A 153 -11.74 -0.86 -15.56
C GLU A 153 -10.56 -1.79 -15.86
N ARG A 154 -9.66 -2.02 -14.88
CA ARG A 154 -8.49 -2.90 -15.06
C ARG A 154 -8.89 -4.34 -15.40
N LYS A 155 -9.97 -4.86 -14.81
CA LYS A 155 -10.47 -6.22 -15.07
C LYS A 155 -11.13 -6.37 -16.45
N ARG A 156 -11.88 -5.38 -16.95
CA ARG A 156 -12.40 -5.39 -18.33
C ARG A 156 -11.28 -5.35 -19.39
N ILE A 157 -10.18 -4.65 -19.15
CA ILE A 157 -9.00 -4.63 -20.04
C ILE A 157 -8.28 -5.99 -20.08
N GLU A 158 -8.22 -6.74 -18.97
CA GLU A 158 -7.62 -8.08 -19.00
C GLU A 158 -8.47 -9.09 -19.82
N LEU A 159 -9.81 -9.00 -19.75
CA LEU A 159 -10.70 -9.82 -20.59
C LEU A 159 -10.58 -9.51 -22.09
N ALA A 160 -10.35 -8.25 -22.48
CA ALA A 160 -10.06 -7.88 -23.86
C ALA A 160 -8.74 -8.51 -24.39
N SER A 161 -7.78 -8.80 -23.51
CA SER A 161 -6.50 -9.44 -23.87
C SER A 161 -6.67 -10.93 -24.23
N ILE A 162 -7.47 -11.70 -23.48
CA ILE A 162 -7.77 -13.12 -23.80
C ILE A 162 -8.44 -13.27 -25.17
N ILE A 163 -9.41 -12.40 -25.51
CA ILE A 163 -10.08 -12.41 -26.81
C ILE A 163 -9.07 -12.16 -27.96
N CYS A 164 -8.13 -11.25 -27.75
CA CYS A 164 -7.10 -10.86 -28.71
C CYS A 164 -5.98 -11.91 -28.88
N MET A 165 -5.68 -12.65 -27.81
CA MET A 165 -4.63 -13.67 -27.70
C MET A 165 -5.08 -15.07 -28.18
N GLU A 166 -6.37 -15.42 -28.02
CA GLU A 166 -7.06 -16.59 -28.59
C GLU A 166 -6.27 -17.93 -28.45
N PRO A 167 -6.05 -18.42 -27.22
CA PRO A 167 -5.26 -19.63 -26.96
C PRO A 167 -6.03 -20.91 -27.28
N ASP A 168 -5.39 -22.08 -27.11
CA ASP A 168 -6.08 -23.38 -27.08
C ASP A 168 -6.75 -23.65 -25.73
N LEU A 169 -6.07 -23.34 -24.61
CA LEU A 169 -6.61 -23.37 -23.26
C LEU A 169 -6.46 -22.03 -22.54
N ALA A 170 -7.56 -21.44 -22.09
CA ALA A 170 -7.56 -20.26 -21.20
C ALA A 170 -8.00 -20.66 -19.78
N ILE A 171 -7.25 -20.23 -18.76
CA ILE A 171 -7.62 -20.38 -17.33
C ILE A 171 -7.93 -19.01 -16.71
N LEU A 172 -9.16 -18.86 -16.20
CA LEU A 172 -9.69 -17.63 -15.60
C LEU A 172 -9.90 -17.80 -14.10
N ASP A 173 -9.27 -16.95 -13.28
CA ASP A 173 -9.46 -16.96 -11.82
C ASP A 173 -10.38 -15.80 -11.39
N GLU A 174 -11.58 -16.11 -10.87
CA GLU A 174 -12.62 -15.18 -10.41
C GLU A 174 -12.94 -14.07 -11.44
N PRO A 175 -13.51 -14.42 -12.61
CA PRO A 175 -13.55 -13.53 -13.78
C PRO A 175 -14.38 -12.24 -13.63
N ASP A 176 -15.37 -12.18 -12.74
CA ASP A 176 -16.16 -10.97 -12.47
C ASP A 176 -15.68 -10.18 -11.24
N SER A 177 -14.84 -10.76 -10.37
CA SER A 177 -14.34 -10.12 -9.16
C SER A 177 -13.67 -8.78 -9.48
N GLY A 178 -14.12 -7.72 -8.81
CA GLY A 178 -13.73 -6.32 -9.05
C GLY A 178 -14.67 -5.50 -9.93
N ILE A 179 -15.66 -6.12 -10.61
CA ILE A 179 -16.62 -5.45 -11.48
C ILE A 179 -17.97 -5.30 -10.75
N ASP A 180 -18.50 -4.07 -10.68
CA ASP A 180 -19.86 -3.79 -10.21
C ASP A 180 -20.86 -3.97 -11.36
N ILE A 181 -21.62 -5.07 -11.37
CA ILE A 181 -22.51 -5.46 -12.47
C ILE A 181 -23.85 -6.00 -11.97
N VAL A 182 -24.94 -5.60 -12.61
CA VAL A 182 -26.32 -5.96 -12.18
C VAL A 182 -26.79 -7.35 -12.62
N SER A 183 -26.29 -7.89 -13.73
CA SER A 183 -26.53 -9.28 -14.18
C SER A 183 -25.39 -9.80 -15.06
N PHE A 184 -25.17 -11.12 -15.09
CA PHE A 184 -23.95 -11.74 -15.64
C PHE A 184 -23.95 -11.95 -17.16
N ASP A 185 -24.97 -11.47 -17.88
CA ASP A 185 -25.11 -11.69 -19.32
C ASP A 185 -24.02 -11.02 -20.18
N GLU A 186 -23.34 -9.98 -19.66
CA GLU A 186 -22.12 -9.45 -20.29
C GLU A 186 -20.98 -10.50 -20.33
N ILE A 187 -20.82 -11.27 -19.25
CA ILE A 187 -19.77 -12.28 -19.10
C ILE A 187 -20.10 -13.53 -19.93
N LYS A 188 -21.36 -13.98 -19.88
CA LYS A 188 -21.82 -15.16 -20.63
C LYS A 188 -21.70 -14.99 -22.14
N ARG A 189 -21.88 -13.77 -22.66
CA ARG A 189 -21.64 -13.44 -24.07
C ARG A 189 -20.17 -13.62 -24.47
N VAL A 190 -19.22 -13.28 -23.60
CA VAL A 190 -17.77 -13.48 -23.87
C VAL A 190 -17.39 -14.96 -23.85
N PHE A 191 -17.90 -15.75 -22.89
CA PHE A 191 -17.71 -17.22 -22.89
C PHE A 191 -18.22 -17.86 -24.18
N ASP A 192 -19.42 -17.51 -24.66
CA ASP A 192 -19.96 -17.99 -25.93
C ASP A 192 -19.09 -17.61 -27.14
N TYR A 193 -18.57 -16.39 -27.20
CA TYR A 193 -17.67 -15.94 -28.27
C TYR A 193 -16.38 -16.76 -28.34
N LEU A 194 -15.69 -16.97 -27.20
CA LEU A 194 -14.45 -17.77 -27.17
C LEU A 194 -14.70 -19.22 -27.62
N LYS A 195 -15.79 -19.85 -27.17
CA LYS A 195 -16.16 -21.21 -27.59
C LYS A 195 -16.48 -21.29 -29.09
N ASP A 196 -17.16 -20.30 -29.67
CA ASP A 196 -17.42 -20.24 -31.12
C ASP A 196 -16.13 -20.17 -31.96
N LYS A 197 -15.06 -19.50 -31.47
CA LYS A 197 -13.73 -19.48 -32.10
C LYS A 197 -12.94 -20.79 -31.94
N GLY A 198 -13.35 -21.68 -31.04
CA GLY A 198 -12.78 -23.02 -30.86
C GLY A 198 -11.86 -23.21 -29.66
N CYS A 199 -11.78 -22.25 -28.73
CA CYS A 199 -11.03 -22.39 -27.48
C CYS A 199 -11.66 -23.38 -26.51
N SER A 200 -10.91 -23.85 -25.51
CA SER A 200 -11.44 -24.47 -24.28
C SER A 200 -11.17 -23.59 -23.06
N LEU A 201 -12.17 -23.49 -22.17
CA LEU A 201 -12.11 -22.65 -20.96
C LEU A 201 -12.06 -23.50 -19.70
N LEU A 202 -11.16 -23.17 -18.78
CA LEU A 202 -11.16 -23.63 -17.40
C LEU A 202 -11.50 -22.43 -16.50
N VAL A 203 -12.62 -22.49 -15.79
CA VAL A 203 -13.20 -21.33 -15.08
C VAL A 203 -13.27 -21.58 -13.57
N ILE A 204 -12.65 -20.71 -12.77
CA ILE A 204 -12.67 -20.82 -11.30
C ILE A 204 -13.59 -19.72 -10.74
N THR A 205 -14.64 -20.08 -9.98
CA THR A 205 -15.72 -19.17 -9.55
C THR A 205 -16.28 -19.50 -8.15
N HIS A 206 -17.04 -18.58 -7.55
CA HIS A 206 -17.92 -18.88 -6.40
C HIS A 206 -19.43 -18.81 -6.74
N ARG A 207 -19.82 -18.14 -7.83
CA ARG A 207 -21.22 -17.99 -8.26
C ARG A 207 -21.81 -19.24 -8.92
N GLU A 208 -23.08 -19.53 -8.66
CA GLU A 208 -23.81 -20.58 -9.41
C GLU A 208 -24.31 -20.09 -10.78
N GLU A 209 -24.56 -18.79 -10.95
CA GLU A 209 -25.10 -18.22 -12.18
C GLU A 209 -24.18 -18.39 -13.40
N LEU A 210 -22.86 -18.38 -13.20
CA LEU A 210 -21.87 -18.70 -14.23
C LEU A 210 -21.62 -20.21 -14.36
N ALA A 211 -21.68 -20.98 -13.28
CA ALA A 211 -21.47 -22.43 -13.32
C ALA A 211 -22.55 -23.17 -14.13
N GLU A 212 -23.82 -22.75 -14.06
CA GLU A 212 -24.91 -23.35 -14.86
C GLU A 212 -24.83 -23.08 -16.39
N HIS A 213 -23.92 -22.21 -16.85
CA HIS A 213 -23.66 -22.00 -18.28
C HIS A 213 -22.59 -22.95 -18.86
N ALA A 214 -21.76 -23.59 -18.03
CA ALA A 214 -20.69 -24.50 -18.45
C ALA A 214 -21.19 -25.84 -19.04
N ASP A 215 -20.29 -26.65 -19.62
CA ASP A 215 -20.60 -28.01 -20.09
C ASP A 215 -20.49 -29.08 -18.98
N ARG A 216 -19.55 -28.90 -18.04
CA ARG A 216 -19.32 -29.76 -16.86
C ARG A 216 -18.92 -28.93 -15.65
N VAL A 217 -19.23 -29.41 -14.44
CA VAL A 217 -18.93 -28.73 -13.17
C VAL A 217 -18.25 -29.70 -12.21
N SER A 218 -17.25 -29.24 -11.46
CA SER A 218 -16.60 -30.00 -10.37
C SER A 218 -16.49 -29.18 -9.09
N LEU A 219 -16.64 -29.81 -7.94
CA LEU A 219 -16.63 -29.17 -6.63
C LEU A 219 -15.35 -29.57 -5.87
N ILE A 220 -14.52 -28.61 -5.48
CA ILE A 220 -13.29 -28.83 -4.69
C ILE A 220 -13.51 -28.37 -3.25
N CYS A 221 -13.23 -29.21 -2.25
CA CYS A 221 -13.27 -28.83 -0.85
C CYS A 221 -12.12 -29.47 -0.07
N ALA A 222 -11.44 -28.72 0.80
CA ALA A 222 -10.30 -29.18 1.59
C ALA A 222 -9.20 -29.92 0.78
N GLY A 223 -8.92 -29.46 -0.45
CA GLY A 223 -7.87 -30.02 -1.30
C GLY A 223 -8.22 -31.26 -2.11
N GLU A 224 -9.48 -31.68 -2.20
CA GLU A 224 -9.95 -32.87 -2.92
C GLU A 224 -11.25 -32.63 -3.71
N VAL A 225 -11.50 -33.43 -4.76
CA VAL A 225 -12.76 -33.41 -5.51
C VAL A 225 -13.87 -34.12 -4.73
N ILE A 226 -15.00 -33.45 -4.48
CA ILE A 226 -16.15 -34.01 -3.76
C ILE A 226 -17.24 -34.53 -4.71
N LYS A 227 -17.53 -33.79 -5.78
CA LYS A 227 -18.54 -34.12 -6.81
C LYS A 227 -18.08 -33.63 -8.18
N SER A 228 -18.51 -34.31 -9.25
CA SER A 228 -18.28 -33.87 -10.63
C SER A 228 -19.40 -34.38 -11.55
N GLY A 229 -19.74 -33.65 -12.62
CA GLY A 229 -20.77 -34.08 -13.58
C GLY A 229 -21.58 -32.96 -14.24
N ASP A 230 -22.89 -33.18 -14.35
CA ASP A 230 -23.87 -32.27 -14.96
C ASP A 230 -24.00 -30.95 -14.15
N PRO A 231 -24.00 -29.77 -14.79
CA PRO A 231 -24.09 -28.49 -14.10
C PRO A 231 -25.27 -28.38 -13.12
N LYS A 232 -26.42 -28.98 -13.44
CA LYS A 232 -27.65 -28.83 -12.67
C LYS A 232 -27.72 -29.72 -11.43
N GLU A 233 -27.22 -30.96 -11.50
CA GLU A 233 -27.20 -31.85 -10.32
C GLU A 233 -26.19 -31.39 -9.26
N VAL A 234 -25.03 -30.85 -9.65
CA VAL A 234 -24.02 -30.32 -8.70
C VAL A 234 -24.45 -28.96 -8.14
N GLY A 235 -25.10 -28.11 -8.95
CA GLY A 235 -25.62 -26.82 -8.51
C GLY A 235 -26.64 -26.93 -7.37
N GLU A 236 -27.58 -27.86 -7.44
CA GLU A 236 -28.55 -28.09 -6.37
C GLU A 236 -27.89 -28.54 -5.05
N PHE A 237 -26.88 -29.41 -5.10
CA PHE A 237 -26.09 -29.76 -3.92
C PHE A 237 -25.34 -28.53 -3.36
N TYR A 238 -24.75 -27.71 -4.21
CA TYR A 238 -24.05 -26.50 -3.78
C TYR A 238 -24.98 -25.53 -3.05
N LYS A 239 -26.17 -25.24 -3.58
CA LYS A 239 -27.21 -24.42 -2.91
C LYS A 239 -27.65 -25.01 -1.57
N LYS A 240 -28.07 -26.27 -1.54
CA LYS A 240 -28.72 -26.91 -0.38
C LYS A 240 -27.76 -27.17 0.77
N GLU A 241 -26.55 -27.65 0.50
CA GLU A 241 -25.62 -28.10 1.55
C GLU A 241 -24.56 -27.06 1.88
N CYS A 242 -23.90 -26.46 0.89
CA CYS A 242 -22.80 -25.53 1.13
C CYS A 242 -23.28 -24.16 1.65
N GLY A 243 -24.49 -23.72 1.27
CA GLY A 243 -25.05 -22.41 1.65
C GLY A 243 -25.43 -22.25 3.13
N LYS A 244 -25.42 -23.33 3.91
CA LYS A 244 -25.63 -23.33 5.37
C LYS A 244 -24.50 -23.99 6.18
N CYS A 245 -23.33 -24.19 5.58
CA CYS A 245 -22.19 -24.86 6.20
C CYS A 245 -21.13 -23.83 6.59
N TYR A 246 -20.72 -23.79 7.86
CA TYR A 246 -19.69 -22.87 8.37
C TYR A 246 -18.31 -23.54 8.58
N LYS A 247 -18.23 -24.86 8.62
CA LYS A 247 -16.97 -25.61 8.86
C LYS A 247 -16.02 -25.62 7.66
N LYS A 248 -16.55 -25.78 6.44
CA LYS A 248 -15.81 -25.83 5.17
C LYS A 248 -14.76 -26.96 5.08
N VAL A 249 -14.98 -28.10 5.73
CA VAL A 249 -14.15 -29.31 5.65
C VAL A 249 -14.97 -30.57 6.01
N PRO A 250 -15.00 -31.63 5.18
CA PRO A 250 -15.86 -32.79 5.41
C PRO A 250 -15.43 -33.62 6.61
N LYS B 33 2.43 34.33 -33.41
CA LYS B 33 3.70 33.69 -33.00
C LYS B 33 3.73 33.42 -31.49
N GLY B 34 3.73 34.46 -30.64
CA GLY B 34 3.57 34.35 -29.18
C GLY B 34 4.78 34.80 -28.35
N PRO B 35 4.62 34.90 -27.02
CA PRO B 35 5.64 35.40 -26.09
C PRO B 35 6.77 34.39 -25.86
N ARG B 36 8.04 34.84 -25.85
CA ARG B 36 9.22 33.95 -25.92
C ARG B 36 10.54 34.58 -25.48
N ILE B 37 11.57 33.75 -25.24
CA ILE B 37 12.98 34.09 -25.02
C ILE B 37 13.88 33.16 -25.87
N ILE B 38 14.92 33.65 -26.54
CA ILE B 38 15.86 32.81 -27.32
C ILE B 38 17.32 33.17 -27.03
N VAL B 39 18.14 32.16 -26.71
CA VAL B 39 19.58 32.30 -26.42
C VAL B 39 20.39 31.27 -27.22
N LYS B 40 21.48 31.68 -27.88
CA LYS B 40 22.37 30.79 -28.67
C LYS B 40 23.84 31.12 -28.42
N GLU B 41 24.67 30.10 -28.20
CA GLU B 41 26.10 30.25 -27.86
C GLU B 41 26.40 31.22 -26.67
N SER B 42 25.46 31.35 -25.73
CA SER B 42 25.50 32.31 -24.60
C SER B 42 25.21 33.78 -24.95
N ARG B 43 24.65 34.06 -26.14
CA ARG B 43 24.17 35.38 -26.58
C ARG B 43 22.64 35.42 -26.69
N ILE B 44 21.99 36.50 -26.24
CA ILE B 44 20.54 36.69 -26.47
C ILE B 44 20.27 36.98 -27.96
N ILE B 45 19.21 36.40 -28.52
CA ILE B 45 18.79 36.63 -29.93
C ILE B 45 17.36 37.18 -30.05
N ASP B 46 16.42 36.79 -29.19
CA ASP B 46 15.04 37.28 -29.26
C ASP B 46 14.37 37.34 -27.88
N VAL B 47 13.47 38.31 -27.68
CA VAL B 47 12.50 38.37 -26.55
C VAL B 47 11.32 39.28 -26.91
N GLN B 48 10.10 38.80 -26.68
CA GLN B 48 8.85 39.51 -27.01
C GLN B 48 7.69 39.07 -26.09
N GLY B 49 6.71 39.95 -25.87
CA GLY B 49 5.52 39.70 -25.03
C GLY B 49 4.19 40.23 -25.58
N ASP B 50 3.06 39.64 -25.15
CA ASP B 50 1.68 40.07 -25.44
C ASP B 50 1.18 41.17 -24.47
N GLU B 51 -0.11 41.53 -24.48
CA GLU B 51 -0.73 42.39 -23.46
C GLU B 51 -0.96 41.66 -22.10
N GLY B 52 -0.80 42.37 -20.98
CA GLY B 52 -0.93 41.81 -19.62
C GLY B 52 0.28 41.01 -19.11
N ILE B 53 1.28 40.78 -19.96
CA ILE B 53 2.54 40.07 -19.71
C ILE B 53 3.72 40.97 -20.09
N ILE B 54 4.73 41.07 -19.23
CA ILE B 54 5.95 41.87 -19.42
C ILE B 54 7.18 40.95 -19.38
N LEU B 55 8.04 40.98 -20.40
CA LEU B 55 9.31 40.25 -20.44
C LEU B 55 10.50 41.19 -20.65
N GLU B 56 11.61 40.91 -19.97
CA GLU B 56 12.87 41.67 -20.04
C GLU B 56 14.07 40.73 -20.19
N GLY B 57 15.09 41.11 -20.95
CA GLY B 57 16.31 40.31 -21.12
C GLY B 57 17.50 41.12 -21.63
N LYS B 58 18.63 41.09 -20.90
CA LYS B 58 19.87 41.81 -21.24
C LYS B 58 21.13 41.17 -20.65
N GLU B 59 22.29 41.53 -21.19
CA GLU B 59 23.60 40.96 -20.84
C GLU B 59 24.42 41.92 -19.93
N GLU B 60 25.02 41.39 -18.87
CA GLU B 60 25.66 42.18 -17.80
C GLU B 60 26.72 41.35 -17.07
N ASP B 61 27.96 41.86 -16.99
CA ASP B 61 29.09 41.17 -16.34
C ASP B 61 29.32 39.73 -16.87
N GLY B 62 29.08 39.53 -18.17
CA GLY B 62 29.15 38.23 -18.85
C GLY B 62 27.97 37.27 -18.59
N LYS B 63 27.07 37.62 -17.67
CA LYS B 63 25.85 36.86 -17.34
C LYS B 63 24.65 37.36 -18.16
N ILE B 64 23.57 36.59 -18.21
CA ILE B 64 22.28 37.03 -18.73
C ILE B 64 21.34 37.31 -17.56
N LYS B 65 20.70 38.48 -17.57
CA LYS B 65 19.61 38.87 -16.66
C LYS B 65 18.28 38.79 -17.41
N ALA B 66 17.27 38.15 -16.83
CA ALA B 66 15.93 38.06 -17.40
C ALA B 66 14.82 38.29 -16.37
N LYS B 67 13.68 38.85 -16.78
CA LYS B 67 12.52 39.07 -15.90
C LYS B 67 11.18 38.84 -16.59
N ILE B 68 10.21 38.31 -15.87
CA ILE B 68 8.83 38.05 -16.34
C ILE B 68 7.83 38.53 -15.29
N ILE B 69 6.81 39.31 -15.68
CA ILE B 69 5.70 39.74 -14.81
C ILE B 69 4.35 39.58 -15.52
N VAL B 70 3.34 39.00 -14.85
CA VAL B 70 1.93 39.03 -15.30
C VAL B 70 1.03 39.77 -14.30
N LYS B 71 0.25 40.73 -14.79
CA LYS B 71 -0.52 41.65 -13.95
C LYS B 71 -1.85 41.09 -13.44
N LYS B 72 -2.42 41.72 -12.42
CA LYS B 72 -3.64 41.28 -11.71
C LYS B 72 -4.79 40.84 -12.62
N GLY B 73 -5.31 39.63 -12.38
CA GLY B 73 -6.49 39.08 -13.04
C GLY B 73 -6.30 38.40 -14.40
N TYR B 74 -5.12 38.47 -15.03
CA TYR B 74 -4.89 37.85 -16.34
C TYR B 74 -4.57 36.36 -16.24
N LYS B 75 -5.33 35.52 -16.98
CA LYS B 75 -5.06 34.10 -17.16
C LYS B 75 -4.78 33.81 -18.63
N PHE B 76 -3.63 33.21 -18.95
CA PHE B 76 -3.17 32.98 -20.32
C PHE B 76 -3.49 31.57 -20.83
N LYS B 77 -3.85 31.50 -22.12
CA LYS B 77 -4.29 30.27 -22.82
C LYS B 77 -3.14 29.32 -23.21
N TYR B 78 -1.94 29.84 -23.38
CA TYR B 78 -0.79 29.13 -23.94
C TYR B 78 0.52 29.40 -23.16
N PRO B 79 1.51 28.49 -23.18
CA PRO B 79 2.79 28.68 -22.48
C PRO B 79 3.67 29.77 -23.10
N ILE B 80 4.59 30.32 -22.29
CA ILE B 80 5.79 31.02 -22.78
C ILE B 80 6.84 29.97 -23.23
N HIS B 81 7.63 30.25 -24.27
CA HIS B 81 8.75 29.39 -24.68
C HIS B 81 10.11 30.03 -24.42
N MET B 82 11.03 29.32 -23.76
CA MET B 82 12.45 29.68 -23.69
C MET B 82 13.35 28.58 -24.29
N CYS B 83 14.27 28.95 -25.17
CA CYS B 83 15.08 27.99 -25.94
C CYS B 83 16.58 28.27 -25.82
N PHE B 84 17.37 27.22 -25.65
CA PHE B 84 18.83 27.25 -25.51
C PHE B 84 19.50 26.26 -26.46
N GLY B 85 20.58 26.67 -27.12
CA GLY B 85 21.33 25.81 -28.04
C GLY B 85 22.84 26.13 -28.05
N ILE B 86 23.65 25.07 -28.14
CA ILE B 86 25.11 25.12 -28.18
C ILE B 86 25.64 24.07 -29.16
N THR B 87 26.22 24.50 -30.28
CA THR B 87 26.93 23.64 -31.24
C THR B 87 28.46 23.68 -31.10
N GLU B 88 28.99 24.58 -30.27
CA GLU B 88 30.42 24.87 -30.12
C GLU B 88 31.05 24.13 -28.92
N GLU B 89 32.35 24.37 -28.67
CA GLU B 89 33.13 23.76 -27.59
C GLU B 89 33.75 24.81 -26.65
N ASN B 90 33.90 24.47 -25.37
CA ASN B 90 34.35 25.37 -24.28
C ASN B 90 33.44 26.61 -24.00
N ILE B 91 32.16 26.57 -24.39
CA ILE B 91 31.14 27.61 -24.09
C ILE B 91 30.60 27.46 -22.65
N SER B 92 30.31 28.60 -22.01
CA SER B 92 29.66 28.69 -20.69
C SER B 92 28.42 29.60 -20.71
N GLN B 93 27.32 29.18 -20.09
CA GLN B 93 26.10 29.97 -19.90
C GLN B 93 25.78 30.16 -18.41
N ILE B 94 25.62 31.41 -17.96
CA ILE B 94 25.08 31.76 -16.64
C ILE B 94 23.83 32.62 -16.79
N ILE B 95 22.67 32.18 -16.29
CA ILE B 95 21.41 32.94 -16.36
C ILE B 95 20.87 33.21 -14.94
N ASP B 96 20.54 34.47 -14.62
CA ASP B 96 19.70 34.83 -13.46
C ASP B 96 18.31 35.30 -13.93
N VAL B 97 17.22 34.73 -13.38
CA VAL B 97 15.85 35.05 -13.80
C VAL B 97 14.88 35.30 -12.63
N GLU B 98 14.06 36.35 -12.73
CA GLU B 98 13.00 36.70 -11.78
C GLU B 98 11.60 36.59 -12.38
N ILE B 99 10.67 35.89 -11.71
CA ILE B 99 9.29 35.66 -12.19
C ILE B 99 8.27 36.12 -11.16
N ILE B 100 7.35 37.02 -11.52
CA ILE B 100 6.30 37.58 -10.64
C ILE B 100 4.88 37.29 -11.16
N LEU B 101 4.04 36.66 -10.33
CA LEU B 101 2.61 36.41 -10.56
C LEU B 101 1.78 37.30 -9.61
N GLU B 102 0.99 38.25 -10.13
CA GLU B 102 0.04 39.04 -9.32
C GLU B 102 -1.29 38.28 -9.03
N GLU B 103 -2.19 38.88 -8.24
CA GLU B 103 -3.44 38.24 -7.78
C GLU B 103 -4.31 37.69 -8.91
N ASP B 104 -4.95 36.54 -8.68
CA ASP B 104 -5.84 35.84 -9.62
C ASP B 104 -5.21 35.44 -10.98
N SER B 105 -3.91 35.60 -11.20
CA SER B 105 -3.28 35.32 -12.50
C SER B 105 -2.87 33.85 -12.71
N SER B 106 -2.69 33.44 -13.98
CA SER B 106 -2.25 32.08 -14.36
C SER B 106 -1.31 32.08 -15.57
N ILE B 107 -0.20 31.33 -15.52
CA ILE B 107 0.76 31.15 -16.63
C ILE B 107 1.47 29.79 -16.56
N SER B 108 2.07 29.36 -17.68
CA SER B 108 3.01 28.23 -17.74
C SER B 108 4.16 28.50 -18.71
N LEU B 109 5.33 27.85 -18.54
CA LEU B 109 6.40 27.94 -19.54
C LEU B 109 7.21 26.66 -19.77
N MET B 110 7.73 26.57 -20.99
CA MET B 110 8.53 25.46 -21.52
C MET B 110 9.99 25.88 -21.66
N SER B 111 10.92 25.01 -21.24
CA SER B 111 12.37 25.14 -21.50
C SER B 111 12.84 24.02 -22.43
N HIS B 112 13.43 24.36 -23.58
CA HIS B 112 14.06 23.41 -24.49
C HIS B 112 15.59 23.60 -24.53
N CYS B 113 16.37 22.56 -24.23
CA CYS B 113 17.84 22.59 -24.33
C CYS B 113 18.36 21.55 -25.33
N SER B 114 19.02 21.99 -26.41
CA SER B 114 19.64 21.11 -27.41
C SER B 114 21.16 21.29 -27.42
N PHE B 115 21.91 20.24 -27.06
CA PHE B 115 23.38 20.25 -27.06
C PHE B 115 23.94 19.15 -28.00
N PRO B 116 23.77 19.25 -29.32
CA PRO B 116 24.38 18.34 -30.29
C PRO B 116 25.90 18.59 -30.40
N LYS B 117 26.69 17.53 -30.56
CA LYS B 117 28.17 17.57 -30.55
C LYS B 117 28.80 18.18 -29.28
N GLY B 118 28.05 18.28 -28.19
CA GLY B 118 28.43 19.10 -27.02
C GLY B 118 29.64 18.57 -26.25
N LYS B 119 30.66 19.41 -26.06
CA LYS B 119 31.95 19.03 -25.44
C LYS B 119 32.62 20.22 -24.71
N GLY B 120 32.84 20.08 -23.39
CA GLY B 120 33.33 21.16 -22.53
C GLY B 120 32.27 22.21 -22.16
N ILE B 121 30.99 21.82 -22.17
CA ILE B 121 29.83 22.69 -21.88
C ILE B 121 29.59 22.88 -20.38
N LYS B 122 29.28 24.10 -19.95
CA LYS B 122 28.67 24.40 -18.64
C LYS B 122 27.35 25.17 -18.80
N HIS B 123 26.25 24.67 -18.25
CA HIS B 123 24.94 25.35 -18.19
C HIS B 123 24.51 25.56 -16.74
N ILE B 124 24.40 26.82 -16.30
CA ILE B 124 24.02 27.18 -14.93
C ILE B 124 22.89 28.20 -14.96
N MET B 125 21.82 27.98 -14.18
CA MET B 125 20.74 28.97 -14.08
C MET B 125 20.21 29.13 -12.65
N ASN B 126 19.95 30.38 -12.25
CA ASN B 126 19.45 30.76 -10.92
C ASN B 126 18.06 31.41 -11.03
N GLY B 127 17.05 30.83 -10.38
CA GLY B 127 15.66 31.30 -10.45
C GLY B 127 15.10 31.82 -9.13
N ILE B 128 14.44 32.99 -9.17
CA ILE B 128 13.56 33.51 -8.10
C ILE B 128 12.11 33.58 -8.61
N ILE B 129 11.17 32.90 -7.97
CA ILE B 129 9.74 32.93 -8.35
C ILE B 129 8.88 33.34 -7.15
N LYS B 130 7.96 34.30 -7.35
CA LYS B 130 6.97 34.69 -6.32
C LYS B 130 5.54 34.52 -6.82
N ILE B 131 4.72 33.73 -6.12
CA ILE B 131 3.34 33.42 -6.50
C ILE B 131 2.34 34.15 -5.58
N GLY B 132 1.58 35.09 -6.13
CA GLY B 132 0.57 35.87 -5.42
C GLY B 132 -0.72 35.13 -5.04
N LYS B 133 -1.68 35.86 -4.45
CA LYS B 133 -2.93 35.30 -3.92
C LYS B 133 -3.81 34.65 -5.00
N ASN B 134 -4.24 33.41 -4.78
CA ASN B 134 -5.03 32.59 -5.71
C ASN B 134 -4.42 32.44 -7.13
N ALA B 135 -3.10 32.60 -7.30
CA ALA B 135 -2.43 32.47 -8.59
C ALA B 135 -1.92 31.04 -8.90
N LYS B 136 -1.67 30.73 -10.17
CA LYS B 136 -1.20 29.40 -10.63
C LYS B 136 0.03 29.49 -11.56
N PHE B 137 1.03 28.65 -11.32
CA PHE B 137 2.24 28.55 -12.13
C PHE B 137 2.66 27.10 -12.43
N SER B 138 3.04 26.79 -13.67
CA SER B 138 3.69 25.51 -14.03
C SER B 138 4.91 25.66 -14.92
N TYR B 139 5.92 24.81 -14.68
CA TYR B 139 7.24 24.83 -15.32
C TYR B 139 7.67 23.47 -15.88
N ASN B 140 8.10 23.39 -17.15
CA ASN B 140 8.67 22.18 -17.76
C ASN B 140 10.05 22.42 -18.35
N GLU B 141 10.98 21.48 -18.19
CA GLU B 141 12.28 21.47 -18.88
C GLU B 141 12.65 20.10 -19.45
N PHE B 142 13.10 20.07 -20.71
CA PHE B 142 13.47 18.86 -21.44
C PHE B 142 14.82 19.01 -22.15
N HIS B 143 15.73 18.04 -21.98
CA HIS B 143 17.10 18.05 -22.53
C HIS B 143 17.34 17.00 -23.63
N TYR B 144 18.00 17.41 -24.71
CA TYR B 144 18.57 16.52 -25.74
C TYR B 144 20.10 16.65 -25.78
N HIS B 145 20.82 15.56 -25.56
CA HIS B 145 22.30 15.52 -25.58
C HIS B 145 22.85 14.54 -26.63
N GLY B 146 24.06 14.77 -27.13
CA GLY B 146 24.81 13.82 -27.95
C GLY B 146 25.45 12.66 -27.16
N MET B 147 26.50 12.04 -27.72
CA MET B 147 27.28 10.97 -27.09
C MET B 147 28.67 11.37 -26.60
N ASP B 148 29.09 12.63 -26.78
CA ASP B 148 30.46 13.09 -26.49
C ASP B 148 30.79 13.31 -24.99
N GLY B 149 29.78 13.38 -24.10
CA GLY B 149 29.93 13.11 -22.66
C GLY B 149 30.56 14.18 -21.75
N ASP B 150 31.11 15.29 -22.27
CA ASP B 150 31.75 16.35 -21.47
C ASP B 150 30.81 17.54 -21.19
N ILE B 151 29.82 17.35 -20.31
CA ILE B 151 28.74 18.32 -20.02
C ILE B 151 28.51 18.46 -18.50
N LEU B 152 28.30 19.68 -18.00
CA LEU B 152 27.74 19.98 -16.67
C LEU B 152 26.43 20.79 -16.74
N VAL B 153 25.35 20.31 -16.12
CA VAL B 153 24.05 20.99 -15.99
C VAL B 153 23.72 21.29 -14.52
N LYS B 154 23.43 22.55 -14.16
CA LYS B 154 23.29 22.98 -12.75
C LYS B 154 22.20 24.06 -12.48
N PRO B 155 20.90 23.72 -12.48
CA PRO B 155 19.82 24.63 -12.06
C PRO B 155 19.64 24.77 -10.53
N THR B 156 19.50 26.01 -10.03
CA THR B 156 19.19 26.33 -8.61
C THR B 156 17.93 27.21 -8.51
N VAL B 157 16.90 26.81 -7.75
CA VAL B 157 15.60 27.52 -7.75
C VAL B 157 15.05 27.79 -6.34
N LYS B 158 14.59 29.02 -6.06
CA LYS B 158 13.93 29.41 -4.79
C LYS B 158 12.52 29.99 -5.03
N VAL B 159 11.52 29.48 -4.32
CA VAL B 159 10.09 29.77 -4.58
C VAL B 159 9.31 30.14 -3.32
N GLU B 160 8.48 31.18 -3.38
CA GLU B 160 7.54 31.58 -2.32
C GLU B 160 6.07 31.53 -2.78
N ILE B 161 5.20 30.80 -2.07
CA ILE B 161 3.77 30.67 -2.39
C ILE B 161 2.88 31.36 -1.34
N ASP B 162 2.11 32.37 -1.75
CA ASP B 162 1.13 33.07 -0.89
C ASP B 162 -0.23 32.33 -0.80
N GLU B 163 -1.22 32.87 -0.07
CA GLU B 163 -2.52 32.24 0.21
C GLU B 163 -3.24 31.69 -1.03
N GLY B 164 -3.55 30.39 -1.01
CA GLY B 164 -4.28 29.68 -2.05
C GLY B 164 -3.55 29.44 -3.37
N GLY B 165 -2.24 29.67 -3.46
CA GLY B 165 -1.44 29.51 -4.69
C GLY B 165 -1.12 28.06 -5.11
N ILE B 166 -0.92 27.84 -6.41
CA ILE B 166 -0.61 26.53 -7.02
C ILE B 166 0.77 26.52 -7.69
N TYR B 167 1.62 25.53 -7.41
CA TYR B 167 2.92 25.31 -8.08
C TYR B 167 3.12 23.88 -8.64
N ILE B 168 3.49 23.75 -9.92
CA ILE B 168 3.79 22.46 -10.59
C ILE B 168 5.14 22.54 -11.33
N SER B 169 6.03 21.54 -11.20
CA SER B 169 7.26 21.47 -12.03
C SER B 169 7.72 20.07 -12.46
N ASN B 170 8.39 19.99 -13.62
CA ASN B 170 8.85 18.73 -14.24
C ASN B 170 10.21 18.88 -14.95
N PHE B 171 11.23 18.10 -14.57
CA PHE B 171 12.53 17.97 -15.26
C PHE B 171 12.70 16.58 -15.90
N THR B 172 13.01 16.50 -17.20
CA THR B 172 13.28 15.23 -17.90
C THR B 172 14.64 15.21 -18.64
N LEU B 173 15.49 14.21 -18.34
CA LEU B 173 16.76 13.96 -19.05
C LEU B 173 16.90 12.47 -19.40
N THR B 174 16.43 12.03 -20.57
CA THR B 174 16.41 10.59 -20.94
C THR B 174 16.96 10.27 -22.34
N LYS B 175 17.42 11.25 -23.14
CA LYS B 175 18.04 11.05 -24.46
C LYS B 175 19.55 11.38 -24.43
N GLY B 176 20.40 10.51 -24.98
CA GLY B 176 21.86 10.69 -25.02
C GLY B 176 22.59 10.42 -23.70
N ARG B 177 23.85 10.88 -23.59
CA ARG B 177 24.65 10.93 -22.35
C ARG B 177 24.14 12.01 -21.39
N ILE B 178 24.09 11.78 -20.08
CA ILE B 178 23.85 12.88 -19.10
C ILE B 178 25.13 13.72 -18.89
N GLY B 179 26.29 13.10 -18.68
CA GLY B 179 27.46 13.80 -18.14
C GLY B 179 27.35 13.96 -16.62
N THR B 180 27.37 15.19 -16.10
CA THR B 180 27.13 15.50 -14.67
C THR B 180 25.89 16.39 -14.47
N LEU B 181 24.98 16.01 -13.58
CA LEU B 181 23.74 16.75 -13.26
C LEU B 181 23.62 17.10 -11.76
N ASP B 182 23.39 18.38 -11.42
CA ASP B 182 23.06 18.88 -10.07
C ASP B 182 21.71 19.61 -10.00
N ILE B 183 20.75 19.15 -9.19
CA ILE B 183 19.47 19.83 -8.94
C ILE B 183 19.39 20.36 -7.50
N GLU B 184 19.07 21.65 -7.31
CA GLU B 184 18.74 22.26 -6.01
C GLU B 184 17.37 22.99 -6.03
N GLN B 185 16.42 22.65 -5.15
CA GLN B 185 15.14 23.39 -4.98
C GLN B 185 14.78 23.68 -3.51
N GLU B 186 14.35 24.91 -3.22
CA GLU B 186 13.82 25.36 -1.92
C GLU B 186 12.43 26.04 -2.05
N ILE B 187 11.40 25.46 -1.45
CA ILE B 187 10.00 25.93 -1.54
C ILE B 187 9.44 26.30 -0.14
N ILE B 188 8.88 27.51 0.00
CA ILE B 188 8.17 27.96 1.22
C ILE B 188 6.71 28.34 0.90
N ALA B 189 5.73 27.78 1.62
CA ALA B 189 4.31 27.92 1.27
C ALA B 189 3.36 28.28 2.44
N LYS B 190 2.42 29.19 2.20
CA LYS B 190 1.33 29.64 3.11
C LYS B 190 0.03 28.82 2.97
N LYS B 191 -1.04 29.21 3.66
CA LYS B 191 -2.29 28.44 3.78
C LYS B 191 -3.03 28.18 2.46
N ASP B 192 -3.70 27.03 2.39
CA ASP B 192 -4.42 26.52 1.21
C ASP B 192 -3.59 26.30 -0.08
N ALA B 193 -2.25 26.38 -0.03
CA ALA B 193 -1.37 26.19 -1.18
C ALA B 193 -1.18 24.72 -1.60
N ILE B 194 -0.91 24.48 -2.89
CA ILE B 194 -0.73 23.12 -3.47
C ILE B 194 0.56 23.04 -4.31
N ILE B 195 1.34 21.98 -4.13
CA ILE B 195 2.65 21.75 -4.78
C ILE B 195 2.75 20.33 -5.40
N ASP B 196 3.31 20.23 -6.60
CA ASP B 196 3.48 18.96 -7.34
C ASP B 196 4.80 18.93 -8.13
N ILE B 197 5.76 18.09 -7.74
CA ILE B 197 7.13 18.08 -8.31
C ILE B 197 7.52 16.70 -8.89
N THR B 198 8.10 16.66 -10.09
CA THR B 198 8.54 15.44 -10.82
C THR B 198 9.95 15.55 -11.39
N THR B 199 10.75 14.48 -11.27
CA THR B 199 12.02 14.29 -12.04
C THR B 199 12.13 12.89 -12.66
N ARG B 200 12.58 12.79 -13.92
CA ARG B 200 12.73 11.51 -14.66
C ARG B 200 14.06 11.47 -15.44
N THR B 201 14.90 10.46 -15.21
CA THR B 201 16.24 10.36 -15.84
C THR B 201 16.65 8.94 -16.30
N TYR B 202 17.60 8.84 -17.23
CA TYR B 202 18.17 7.59 -17.74
C TYR B 202 19.71 7.69 -17.91
N ALA B 203 20.47 6.96 -17.11
CA ALA B 203 21.93 7.10 -16.97
C ALA B 203 22.74 5.90 -17.50
N ILE B 204 23.81 6.17 -18.26
CA ILE B 204 24.63 5.19 -19.00
C ILE B 204 26.14 5.48 -18.88
N LYS B 205 27.01 4.55 -19.30
CA LYS B 205 28.48 4.70 -19.28
C LYS B 205 29.02 5.15 -17.92
N GLU B 206 29.61 6.35 -17.82
CA GLU B 206 30.17 6.95 -16.60
C GLU B 206 29.39 8.20 -16.10
N ASP B 207 28.10 8.32 -16.41
CA ASP B 207 27.25 9.44 -15.95
C ASP B 207 27.08 9.54 -14.41
N VAL B 208 26.97 10.76 -13.89
CA VAL B 208 26.76 11.06 -12.45
C VAL B 208 25.54 11.97 -12.22
N VAL B 209 24.63 11.60 -11.31
CA VAL B 209 23.37 12.33 -11.03
C VAL B 209 23.24 12.68 -9.54
N LYS B 210 23.00 13.95 -9.21
CA LYS B 210 22.75 14.45 -7.84
C LYS B 210 21.45 15.25 -7.74
N VAL B 211 20.54 14.88 -6.84
CA VAL B 211 19.25 15.55 -6.62
C VAL B 211 19.09 15.95 -5.15
N ASN B 212 18.76 17.22 -4.86
CA ASN B 212 18.53 17.74 -3.51
C ASN B 212 17.35 18.74 -3.47
N GLU B 213 16.24 18.40 -2.81
CA GLU B 213 15.08 19.31 -2.75
C GLU B 213 14.27 19.29 -1.44
N VAL B 214 13.83 20.49 -1.01
CA VAL B 214 13.20 20.74 0.31
C VAL B 214 11.89 21.53 0.18
N VAL B 215 10.82 21.05 0.84
CA VAL B 215 9.51 21.74 0.93
C VAL B 215 9.15 22.01 2.40
N LYS B 216 8.83 23.26 2.75
CA LYS B 216 8.36 23.65 4.09
C LYS B 216 6.88 24.07 4.07
N LEU B 217 6.02 23.38 4.80
CA LEU B 217 4.57 23.62 4.85
C LEU B 217 4.20 24.45 6.09
N ASN B 218 4.08 25.77 5.93
CA ASN B 218 4.03 26.75 7.04
C ASN B 218 2.66 27.43 7.22
N GLY B 219 1.60 26.92 6.61
CA GLY B 219 0.23 27.39 6.79
C GLY B 219 -0.76 26.24 6.82
N GLU B 220 -1.97 26.50 7.31
CA GLU B 220 -3.00 25.46 7.42
C GLU B 220 -3.52 24.96 6.05
N ASN B 221 -3.92 23.69 5.99
CA ASN B 221 -4.45 23.01 4.79
C ASN B 221 -3.54 22.98 3.54
N ALA B 222 -2.24 23.30 3.66
CA ALA B 222 -1.26 23.16 2.57
C ALA B 222 -0.89 21.69 2.28
N LYS B 223 -0.62 21.33 1.01
CA LYS B 223 -0.25 19.94 0.66
C LYS B 223 0.73 19.79 -0.51
N CYS B 224 1.50 18.70 -0.51
CA CYS B 224 2.47 18.41 -1.59
C CYS B 224 2.64 16.91 -1.95
N ILE B 225 3.05 16.66 -3.20
CA ILE B 225 3.51 15.36 -3.72
C ILE B 225 4.88 15.52 -4.43
N ILE B 226 5.87 14.67 -4.09
CA ILE B 226 7.19 14.61 -4.75
C ILE B 226 7.41 13.23 -5.39
N LYS B 227 7.76 13.18 -6.69
CA LYS B 227 7.98 11.93 -7.47
C LYS B 227 9.35 11.87 -8.14
N SER B 228 10.03 10.72 -8.09
CA SER B 228 11.18 10.41 -8.95
C SER B 228 11.10 9.01 -9.59
N ARG B 229 11.58 8.91 -10.84
CA ARG B 229 11.57 7.71 -11.70
C ARG B 229 12.88 7.61 -12.49
N GLY B 230 13.38 6.41 -12.77
CA GLY B 230 14.54 6.24 -13.66
C GLY B 230 15.20 4.87 -13.70
N ALA B 231 16.25 4.79 -14.51
CA ALA B 231 17.09 3.60 -14.66
C ALA B 231 18.59 3.95 -14.84
N ALA B 232 19.47 3.08 -14.36
CA ALA B 232 20.93 3.21 -14.41
C ALA B 232 21.64 1.96 -14.94
N MET B 233 22.69 2.14 -15.74
CA MET B 233 23.49 1.10 -16.43
C MET B 233 25.00 1.25 -16.22
N ASP B 234 25.76 0.26 -16.68
CA ASP B 234 27.22 0.34 -16.90
C ASP B 234 28.02 0.64 -15.63
N ASN B 235 28.69 1.79 -15.55
CA ASN B 235 29.51 2.22 -14.42
C ASN B 235 28.92 3.44 -13.67
N SER B 236 27.70 3.85 -14.01
CA SER B 236 27.06 5.08 -13.53
C SER B 236 26.70 5.04 -12.04
N LYS B 237 26.60 6.22 -11.38
CA LYS B 237 26.22 6.32 -9.96
C LYS B 237 25.31 7.51 -9.64
N ILE B 238 24.36 7.29 -8.72
CA ILE B 238 23.20 8.17 -8.49
C ILE B 238 22.94 8.38 -7.00
N SER B 239 22.70 9.63 -6.56
CA SER B 239 22.33 9.95 -5.18
C SER B 239 21.12 10.91 -5.11
N LEU B 240 20.09 10.52 -4.34
CA LEU B 240 18.81 11.24 -4.20
C LEU B 240 18.54 11.68 -2.76
N LYS B 241 18.36 12.98 -2.50
CA LYS B 241 17.95 13.55 -1.21
C LYS B 241 16.66 14.37 -1.32
N LEU B 242 15.61 13.97 -0.58
CA LEU B 242 14.27 14.55 -0.66
C LEU B 242 13.72 14.84 0.75
N LYS B 243 13.25 16.05 1.04
CA LYS B 243 12.81 16.46 2.39
C LYS B 243 11.45 17.18 2.45
N ILE B 244 10.58 16.82 3.39
CA ILE B 244 9.35 17.57 3.71
C ILE B 244 9.29 17.91 5.21
N GLU B 245 9.01 19.18 5.55
CA GLU B 245 8.70 19.60 6.93
C GLU B 245 7.23 20.00 7.11
N GLY B 246 6.51 19.34 8.03
CA GLY B 246 5.10 19.63 8.37
C GLY B 246 4.94 20.45 9.66
N ASN B 247 4.75 21.76 9.53
CA ASN B 247 4.82 22.73 10.65
C ASN B 247 3.47 23.34 11.10
N ALA B 248 2.35 22.98 10.46
CA ALA B 248 1.06 23.65 10.60
C ALA B 248 -0.13 22.67 10.54
N PRO B 249 -1.28 23.00 11.15
CA PRO B 249 -2.41 22.08 11.26
C PRO B 249 -3.07 21.76 9.91
N TYR B 250 -3.50 20.51 9.75
CA TYR B 250 -4.10 19.96 8.53
C TYR B 250 -3.17 19.90 7.29
N SER B 251 -1.86 19.98 7.48
CA SER B 251 -0.85 19.72 6.44
C SER B 251 -0.84 18.26 5.97
N LYS B 252 -0.63 18.01 4.67
CA LYS B 252 -0.48 16.66 4.08
C LYS B 252 0.69 16.56 3.10
N GLY B 253 1.46 15.47 3.14
CA GLY B 253 2.56 15.24 2.19
C GLY B 253 2.83 13.78 1.84
N HIS B 254 3.20 13.52 0.58
CA HIS B 254 3.65 12.19 0.12
C HIS B 254 4.93 12.24 -0.73
N ILE B 255 5.85 11.30 -0.51
CA ILE B 255 7.04 11.07 -1.37
C ILE B 255 6.99 9.64 -1.94
N ASP B 256 7.20 9.44 -3.24
CA ASP B 256 7.46 8.08 -3.77
C ASP B 256 8.58 8.00 -4.82
N CYS B 257 9.42 6.97 -4.72
CA CYS B 257 10.64 6.80 -5.52
C CYS B 257 10.78 5.37 -6.11
N ALA B 258 11.15 5.26 -7.39
CA ALA B 258 11.44 3.98 -8.04
C ALA B 258 12.67 4.06 -8.97
N GLU B 259 13.59 3.11 -8.86
CA GLU B 259 14.83 3.07 -9.65
C GLU B 259 15.21 1.64 -10.08
N ILE B 260 15.50 1.43 -11.36
CA ILE B 260 15.95 0.14 -11.92
C ILE B 260 17.47 0.13 -12.18
N VAL B 261 18.18 -0.85 -11.62
CA VAL B 261 19.65 -1.02 -11.71
C VAL B 261 20.01 -2.17 -12.67
N LYS B 262 20.92 -1.93 -13.62
CA LYS B 262 21.51 -2.93 -14.53
C LYS B 262 23.05 -2.84 -14.55
N GLY B 263 23.73 -3.95 -14.83
CA GLY B 263 25.19 -3.97 -15.04
C GLY B 263 25.96 -3.86 -13.73
N ASN B 264 26.83 -2.86 -13.58
CA ASN B 264 27.54 -2.57 -12.33
C ASN B 264 27.42 -1.10 -11.87
N ALA B 265 26.27 -0.47 -12.13
CA ALA B 265 25.85 0.82 -11.58
C ALA B 265 25.55 0.77 -10.06
N GLU B 266 25.62 1.93 -9.38
CA GLU B 266 25.40 2.07 -7.92
C GLU B 266 24.33 3.11 -7.60
N VAL B 267 23.43 2.84 -6.65
CA VAL B 267 22.33 3.75 -6.26
C VAL B 267 22.25 3.97 -4.75
N GLU B 268 22.07 5.22 -4.33
CA GLU B 268 21.82 5.66 -2.95
C GLU B 268 20.57 6.56 -2.87
N SER B 269 19.65 6.32 -1.92
CA SER B 269 18.55 7.25 -1.65
C SER B 269 18.31 7.53 -0.16
N ILE B 270 18.04 8.80 0.16
CA ILE B 270 17.90 9.35 1.51
C ILE B 270 16.67 10.30 1.57
N PRO B 271 15.45 9.78 1.76
CA PRO B 271 14.26 10.57 2.02
C PRO B 271 14.18 10.98 3.52
N ILE B 272 13.80 12.22 3.81
CA ILE B 272 13.72 12.79 5.16
C ILE B 272 12.31 13.36 5.43
N VAL B 273 11.74 13.06 6.58
CA VAL B 273 10.46 13.59 7.06
C VAL B 273 10.61 14.17 8.46
N VAL B 274 10.10 15.38 8.69
CA VAL B 274 9.95 15.96 10.04
C VAL B 274 8.53 16.49 10.28
N VAL B 275 7.97 16.22 11.45
CA VAL B 275 6.61 16.69 11.85
C VAL B 275 6.68 17.43 13.18
N ARG B 276 6.08 18.63 13.25
CA ARG B 276 6.05 19.48 14.45
C ARG B 276 4.65 19.89 14.92
N ASP B 277 3.58 19.28 14.42
CA ASP B 277 2.20 19.63 14.77
C ASP B 277 1.30 18.40 14.95
N ASP B 278 0.43 18.48 15.96
CA ASP B 278 -0.57 17.49 16.40
C ASP B 278 -1.57 17.07 15.30
N LYS B 279 -1.81 17.89 14.27
CA LYS B 279 -2.79 17.68 13.19
C LYS B 279 -2.17 17.56 11.78
N ALA B 280 -0.87 17.35 11.65
CA ALA B 280 -0.19 17.08 10.37
C ALA B 280 -0.07 15.56 10.09
N ARG B 281 0.07 15.13 8.83
CA ARG B 281 0.42 13.74 8.47
C ARG B 281 1.24 13.62 7.18
N ILE B 282 2.34 12.86 7.20
CA ILE B 282 3.28 12.69 6.08
C ILE B 282 3.56 11.19 5.84
N THR B 283 3.63 10.73 4.59
CA THR B 283 3.94 9.32 4.27
C THR B 283 4.95 9.18 3.11
N HIS B 284 5.67 8.07 3.04
CA HIS B 284 6.65 7.78 1.97
C HIS B 284 6.74 6.28 1.63
N GLU B 285 7.08 5.95 0.39
CA GLU B 285 7.46 4.59 -0.05
C GLU B 285 8.52 4.56 -1.18
N ALA B 286 9.37 3.53 -1.21
CA ALA B 286 10.35 3.34 -2.29
C ALA B 286 10.70 1.87 -2.58
N ALA B 287 11.19 1.61 -3.80
CA ALA B 287 11.72 0.34 -4.26
C ALA B 287 12.92 0.51 -5.21
N ILE B 288 14.07 -0.09 -4.88
CA ILE B 288 15.33 0.07 -5.63
C ILE B 288 15.92 -1.32 -5.98
N GLY B 289 16.42 -1.51 -7.20
CA GLY B 289 17.12 -2.74 -7.62
C GLY B 289 16.66 -3.30 -8.96
N SER B 290 16.44 -4.61 -9.04
CA SER B 290 15.86 -5.29 -10.22
C SER B 290 14.32 -5.12 -10.34
N VAL B 291 13.75 -5.46 -11.49
CA VAL B 291 12.31 -5.30 -11.77
C VAL B 291 11.40 -6.16 -10.89
N ASP B 292 10.15 -5.72 -10.71
CA ASP B 292 9.13 -6.41 -9.90
C ASP B 292 8.71 -7.76 -10.51
N LYS B 293 8.67 -8.83 -9.70
CA LYS B 293 8.48 -10.22 -10.17
C LYS B 293 7.11 -10.48 -10.78
N LYS B 294 6.03 -9.93 -10.21
CA LYS B 294 4.65 -10.08 -10.74
C LYS B 294 4.45 -9.41 -12.09
N GLN B 295 5.10 -8.27 -12.34
CA GLN B 295 5.10 -7.61 -13.66
C GLN B 295 5.86 -8.44 -14.71
N LEU B 296 6.98 -9.06 -14.33
CA LEU B 296 7.77 -9.93 -15.21
C LEU B 296 7.02 -11.22 -15.56
N GLU B 297 6.48 -11.94 -14.57
CA GLU B 297 5.70 -13.17 -14.81
C GLU B 297 4.44 -12.92 -15.65
N THR B 298 3.79 -11.76 -15.49
CA THR B 298 2.64 -11.37 -16.30
C THR B 298 2.99 -11.26 -17.78
N LEU B 299 4.15 -10.74 -18.15
CA LEU B 299 4.57 -10.66 -19.56
C LEU B 299 5.09 -11.99 -20.12
N MET B 300 5.76 -12.83 -19.32
CA MET B 300 6.13 -14.20 -19.71
C MET B 300 4.93 -15.08 -20.09
N ALA B 301 3.85 -15.02 -19.30
CA ALA B 301 2.57 -15.67 -19.59
C ALA B 301 1.85 -15.20 -20.87
N LYS B 302 2.35 -14.16 -21.55
CA LYS B 302 1.89 -13.74 -22.90
C LYS B 302 2.87 -14.11 -24.03
N GLY B 303 3.92 -14.90 -23.73
CA GLY B 303 4.81 -15.51 -24.74
C GLY B 303 6.20 -14.87 -24.93
N LEU B 304 6.62 -13.94 -24.09
CA LEU B 304 7.95 -13.31 -24.08
C LEU B 304 8.95 -14.08 -23.18
N ASP B 305 10.26 -13.95 -23.39
CA ASP B 305 11.30 -14.37 -22.43
C ASP B 305 11.87 -13.21 -21.57
N GLU B 306 12.68 -13.49 -20.55
CA GLU B 306 13.21 -12.50 -19.60
C GLU B 306 13.85 -11.26 -20.24
N ASP B 307 14.60 -11.40 -21.34
CA ASP B 307 15.28 -10.28 -21.97
C ASP B 307 14.32 -9.38 -22.76
N GLU B 308 13.26 -9.96 -23.32
CA GLU B 308 12.19 -9.22 -23.98
C GLU B 308 11.29 -8.52 -22.96
N ALA B 309 10.93 -9.20 -21.87
CA ALA B 309 10.08 -8.66 -20.82
C ALA B 309 10.77 -7.53 -20.03
N THR B 310 12.03 -7.69 -19.62
CA THR B 310 12.78 -6.70 -18.84
C THR B 310 12.96 -5.38 -19.60
N GLU B 311 13.16 -5.43 -20.92
CA GLU B 311 13.28 -4.22 -21.72
C GLU B 311 11.96 -3.46 -21.93
N ILE B 312 10.82 -4.14 -21.99
CA ILE B 312 9.49 -3.51 -22.04
C ILE B 312 9.24 -2.69 -20.76
N ILE B 313 9.56 -3.25 -19.58
CA ILE B 313 9.41 -2.56 -18.30
C ILE B 313 10.32 -1.32 -18.21
N VAL B 314 11.59 -1.41 -18.63
CA VAL B 314 12.53 -0.26 -18.62
C VAL B 314 12.07 0.85 -19.55
N LYS B 315 11.60 0.53 -20.76
CA LYS B 315 11.08 1.54 -21.69
C LYS B 315 9.85 2.27 -21.14
N GLY B 316 8.99 1.62 -20.36
CA GLY B 316 7.90 2.27 -19.65
C GLY B 316 8.39 3.29 -18.61
N MET B 317 9.30 2.88 -17.73
CA MET B 317 9.87 3.71 -16.64
C MET B 317 10.50 5.02 -17.14
N ILE B 318 11.22 5.00 -18.26
CA ILE B 318 11.90 6.16 -18.85
C ILE B 318 11.03 6.96 -19.85
N GLY B 319 9.77 6.56 -20.08
CA GLY B 319 8.82 7.29 -20.93
C GLY B 319 8.84 6.97 -22.43
N ASP B 320 9.36 5.82 -22.84
CA ASP B 320 9.19 5.24 -24.19
C ASP B 320 7.94 4.33 -24.29
N LEU B 321 7.78 3.61 -25.41
CA LEU B 321 6.65 2.75 -25.80
C LEU B 321 6.47 1.50 -24.90
N ILE C 7 -44.35 7.47 16.79
CA ILE C 7 -43.63 8.53 16.03
C ILE C 7 -42.66 7.87 15.04
N MET C 8 -42.37 8.51 13.90
CA MET C 8 -41.43 7.96 12.90
C MET C 8 -39.99 7.95 13.41
N LEU C 9 -39.13 7.07 12.88
CA LEU C 9 -37.71 7.10 13.23
C LEU C 9 -37.00 8.30 12.59
N LEU C 10 -37.16 8.50 11.28
CA LEU C 10 -36.36 9.46 10.52
C LEU C 10 -37.23 10.27 9.54
N LYS C 11 -37.00 11.58 9.48
CA LYS C 11 -37.45 12.48 8.40
C LYS C 11 -36.26 13.24 7.84
N VAL C 12 -36.09 13.21 6.52
CA VAL C 12 -35.15 14.05 5.78
C VAL C 12 -35.96 15.01 4.93
N GLU C 13 -35.77 16.31 5.09
CA GLU C 13 -36.70 17.32 4.58
C GLU C 13 -35.98 18.47 3.87
N ASP C 14 -36.29 18.67 2.58
CA ASP C 14 -35.73 19.70 1.70
C ASP C 14 -34.18 19.73 1.63
N LEU C 15 -33.52 18.57 1.76
CA LEU C 15 -32.06 18.49 1.94
C LEU C 15 -31.28 18.81 0.64
N HIS C 16 -30.37 19.81 0.70
CA HIS C 16 -29.39 20.14 -0.35
C HIS C 16 -27.94 20.02 0.14
N VAL C 17 -27.10 19.32 -0.63
CA VAL C 17 -25.65 19.13 -0.35
C VAL C 17 -24.82 19.34 -1.61
N TYR C 18 -23.71 20.08 -1.49
CA TYR C 18 -22.68 20.18 -2.54
C TYR C 18 -21.28 19.85 -2.00
N ARG C 19 -20.49 19.18 -2.84
CA ARG C 19 -19.09 18.80 -2.56
C ARG C 19 -18.19 19.46 -3.61
N GLY C 20 -17.30 20.35 -3.20
CA GLY C 20 -16.64 21.26 -4.14
C GLY C 20 -17.65 22.21 -4.80
N ASN C 21 -17.56 22.37 -6.13
CA ASN C 21 -18.26 23.41 -6.88
C ASN C 21 -19.79 23.24 -7.00
N ARG C 22 -20.33 22.00 -6.99
CA ARG C 22 -21.73 21.72 -7.38
C ARG C 22 -22.41 20.59 -6.59
N GLU C 23 -23.74 20.57 -6.65
CA GLU C 23 -24.59 19.66 -5.87
C GLU C 23 -24.38 18.16 -6.17
N ILE C 24 -24.68 17.36 -5.16
CA ILE C 24 -24.84 15.89 -5.24
C ILE C 24 -26.23 15.46 -4.74
N LEU C 25 -26.87 16.26 -3.87
CA LEU C 25 -28.26 16.08 -3.42
C LEU C 25 -29.00 17.43 -3.54
N LYS C 26 -30.24 17.43 -4.01
CA LYS C 26 -31.02 18.67 -4.20
C LYS C 26 -32.51 18.45 -3.88
N GLY C 27 -32.99 19.11 -2.83
CA GLY C 27 -34.40 19.07 -2.43
C GLY C 27 -34.92 17.68 -2.05
N VAL C 28 -34.06 16.78 -1.59
CA VAL C 28 -34.45 15.40 -1.23
C VAL C 28 -35.45 15.40 -0.08
N ASN C 29 -36.47 14.55 -0.19
CA ASN C 29 -37.47 14.31 0.87
C ASN C 29 -37.66 12.80 1.05
N LEU C 30 -37.50 12.28 2.27
CA LEU C 30 -37.51 10.84 2.58
C LEU C 30 -37.95 10.58 4.03
N THR C 31 -38.50 9.40 4.33
CA THR C 31 -38.81 8.98 5.70
C THR C 31 -38.68 7.46 5.91
N VAL C 32 -38.53 7.03 7.16
CA VAL C 32 -38.40 5.63 7.59
C VAL C 32 -39.28 5.38 8.81
N GLU C 33 -40.05 4.30 8.80
CA GLU C 33 -40.90 3.87 9.93
C GLU C 33 -40.16 2.94 10.92
N GLU C 34 -40.77 2.71 12.08
CA GLU C 34 -40.33 1.67 13.01
C GLU C 34 -40.54 0.26 12.41
N ASN C 35 -39.58 -0.65 12.64
CA ASN C 35 -39.66 -2.05 12.21
C ASN C 35 -39.86 -2.27 10.68
N GLU C 36 -39.28 -1.41 9.86
CA GLU C 36 -39.40 -1.39 8.39
C GLU C 36 -38.08 -1.75 7.70
N ILE C 37 -38.12 -2.48 6.58
CA ILE C 37 -36.96 -2.61 5.68
C ILE C 37 -37.22 -1.73 4.44
N HIS C 38 -36.40 -0.72 4.22
CA HIS C 38 -36.53 0.24 3.12
C HIS C 38 -35.28 0.21 2.24
N ALA C 39 -35.43 -0.06 0.93
CA ALA C 39 -34.31 -0.10 0.00
C ALA C 39 -34.25 1.13 -0.91
N ILE C 40 -33.06 1.67 -1.15
CA ILE C 40 -32.79 2.76 -2.11
C ILE C 40 -32.10 2.18 -3.34
N ILE C 41 -32.60 2.51 -4.53
CA ILE C 41 -32.09 2.05 -5.84
C ILE C 41 -31.87 3.25 -6.77
N GLY C 42 -31.09 3.05 -7.84
CA GLY C 42 -30.80 4.09 -8.83
C GLY C 42 -29.43 3.94 -9.50
N PRO C 43 -29.14 4.73 -10.54
CA PRO C 43 -27.89 4.66 -11.31
C PRO C 43 -26.68 5.18 -10.53
N ASN C 44 -25.47 4.76 -10.89
CA ASN C 44 -24.27 5.20 -10.17
C ASN C 44 -24.02 6.71 -10.36
N GLY C 45 -23.61 7.40 -9.29
CA GLY C 45 -23.45 8.85 -9.25
C GLY C 45 -24.72 9.64 -8.94
N ALA C 46 -25.86 8.99 -8.70
CA ALA C 46 -27.11 9.63 -8.28
C ALA C 46 -27.13 10.17 -6.84
N GLY C 47 -26.05 10.00 -6.07
CA GLY C 47 -25.91 10.54 -4.70
C GLY C 47 -26.18 9.55 -3.56
N LYS C 48 -26.41 8.26 -3.85
CA LYS C 48 -26.78 7.21 -2.88
C LYS C 48 -25.85 7.13 -1.67
N SER C 49 -24.53 6.98 -1.87
CA SER C 49 -23.56 6.97 -0.75
C SER C 49 -23.40 8.34 -0.07
N THR C 50 -23.63 9.43 -0.80
CA THR C 50 -23.59 10.79 -0.21
C THR C 50 -24.76 11.03 0.75
N LEU C 51 -25.93 10.42 0.55
CA LEU C 51 -26.97 10.39 1.59
C LEU C 51 -26.49 9.65 2.84
N ALA C 52 -25.98 8.42 2.70
CA ALA C 52 -25.55 7.60 3.83
C ALA C 52 -24.50 8.27 4.72
N TYR C 53 -23.50 8.95 4.13
CA TYR C 53 -22.54 9.74 4.89
C TYR C 53 -23.14 11.00 5.51
N THR C 54 -24.11 11.66 4.84
CA THR C 54 -24.76 12.87 5.34
C THR C 54 -25.66 12.62 6.54
N ILE C 55 -26.44 11.54 6.59
CA ILE C 55 -27.31 11.26 7.76
C ILE C 55 -26.48 10.89 8.99
N MET C 56 -25.48 10.01 8.86
CA MET C 56 -24.57 9.61 9.95
C MET C 56 -23.60 10.73 10.36
N GLY C 57 -23.34 11.72 9.51
CA GLY C 57 -22.58 12.93 9.86
C GLY C 57 -21.06 12.80 9.72
N ILE C 58 -20.59 11.97 8.79
CA ILE C 58 -19.17 11.78 8.50
C ILE C 58 -18.54 13.09 8.01
N SER C 59 -17.27 13.36 8.34
CA SER C 59 -16.63 14.65 8.08
C SER C 59 -16.50 14.98 6.59
N GLY C 60 -16.76 16.24 6.24
CA GLY C 60 -16.79 16.75 4.87
C GLY C 60 -18.17 16.74 4.18
N TYR C 61 -19.23 16.31 4.89
CA TYR C 61 -20.63 16.38 4.43
C TYR C 61 -21.49 17.17 5.43
N LYS C 62 -22.15 18.24 4.98
CA LYS C 62 -23.04 19.09 5.82
C LYS C 62 -24.23 19.62 5.00
N PRO C 63 -25.47 19.58 5.51
CA PRO C 63 -26.61 20.24 4.87
C PRO C 63 -26.37 21.74 4.63
N THR C 64 -26.46 22.17 3.37
CA THR C 64 -26.41 23.60 3.01
C THR C 64 -27.78 24.27 3.15
N LYS C 65 -28.84 23.49 2.98
CA LYS C 65 -30.26 23.83 3.16
C LYS C 65 -31.04 22.56 3.51
N GLY C 66 -32.21 22.71 4.12
CA GLY C 66 -33.01 21.58 4.60
C GLY C 66 -32.63 21.13 6.01
N ARG C 67 -33.25 20.05 6.47
CA ARG C 67 -33.22 19.59 7.87
C ARG C 67 -33.36 18.07 8.00
N ILE C 68 -32.82 17.51 9.08
CA ILE C 68 -32.86 16.07 9.39
C ILE C 68 -33.36 15.89 10.82
N ILE C 69 -34.40 15.08 11.02
CA ILE C 69 -35.04 14.84 12.31
C ILE C 69 -35.02 13.33 12.62
N PHE C 70 -34.47 12.94 13.77
CA PHE C 70 -34.42 11.55 14.24
C PHE C 70 -35.11 11.43 15.61
N LYS C 71 -36.04 10.49 15.78
CA LYS C 71 -36.87 10.33 16.99
C LYS C 71 -37.60 11.61 17.45
N GLY C 72 -37.94 12.51 16.53
CA GLY C 72 -38.55 13.81 16.85
C GLY C 72 -37.59 14.89 17.36
N VAL C 73 -36.27 14.69 17.22
CA VAL C 73 -35.20 15.62 17.65
C VAL C 73 -34.32 16.00 16.46
N ASP C 74 -33.86 17.24 16.37
CA ASP C 74 -32.95 17.72 15.31
C ASP C 74 -31.49 17.33 15.61
N ILE C 75 -30.75 16.89 14.60
CA ILE C 75 -29.39 16.31 14.74
C ILE C 75 -28.29 17.07 13.98
N ILE C 76 -28.58 18.19 13.31
CA ILE C 76 -27.53 18.96 12.59
C ILE C 76 -26.49 19.62 13.55
N ASP C 77 -26.84 19.88 14.81
CA ASP C 77 -25.90 20.34 15.85
C ASP C 77 -24.99 19.24 16.42
N LYS C 78 -25.20 17.96 16.08
CA LYS C 78 -24.58 16.80 16.74
C LYS C 78 -23.46 16.18 15.91
N ASN C 79 -22.39 15.74 16.56
CA ASN C 79 -21.27 15.01 15.94
C ASN C 79 -21.56 13.48 15.82
N ILE C 80 -20.62 12.72 15.24
CA ILE C 80 -20.73 11.27 15.04
C ILE C 80 -20.98 10.50 16.35
N THR C 81 -20.23 10.81 17.42
CA THR C 81 -20.44 10.15 18.73
C THR C 81 -21.83 10.44 19.30
N GLU C 82 -22.33 11.67 19.22
CA GLU C 82 -23.67 12.00 19.73
C GLU C 82 -24.80 11.37 18.92
N ARG C 83 -24.69 11.32 17.59
CA ARG C 83 -25.62 10.60 16.71
C ARG C 83 -25.64 9.09 17.01
N ALA C 84 -24.48 8.47 17.22
CA ALA C 84 -24.39 7.05 17.58
C ALA C 84 -25.04 6.74 18.94
N ARG C 85 -24.92 7.60 19.95
CA ARG C 85 -25.54 7.43 21.29
C ARG C 85 -27.07 7.44 21.26
N MET C 86 -27.71 8.13 20.32
CA MET C 86 -29.17 8.10 20.11
C MET C 86 -29.70 6.75 19.56
N GLY C 87 -28.84 5.88 19.01
CA GLY C 87 -29.20 4.54 18.51
C GLY C 87 -29.07 4.30 16.99
N MET C 88 -28.41 5.20 16.26
CA MET C 88 -28.09 5.10 14.82
C MET C 88 -26.70 4.46 14.56
N THR C 89 -26.46 3.80 13.42
CA THR C 89 -25.11 3.33 13.00
C THR C 89 -24.96 3.09 11.48
N LEU C 90 -23.71 2.96 11.00
CA LEU C 90 -23.32 2.76 9.60
C LEU C 90 -22.37 1.56 9.45
N ALA C 91 -22.49 0.79 8.37
CA ALA C 91 -21.46 -0.14 7.90
C ALA C 91 -20.93 0.27 6.52
N TRP C 92 -19.62 0.54 6.41
CA TRP C 92 -18.97 0.98 5.17
C TRP C 92 -18.93 -0.11 4.09
N GLN C 93 -18.91 0.29 2.83
CA GLN C 93 -18.89 -0.62 1.68
C GLN C 93 -17.60 -1.45 1.58
N GLU C 94 -16.47 -0.89 2.03
CA GLU C 94 -15.14 -1.51 2.18
C GLU C 94 -14.53 -1.12 3.54
N PRO C 95 -14.62 -1.97 4.59
CA PRO C 95 -14.18 -1.66 5.95
C PRO C 95 -12.68 -1.37 6.12
N ALA C 96 -12.32 -0.72 7.24
CA ALA C 96 -10.92 -0.44 7.62
C ALA C 96 -10.22 -1.61 8.32
N ARG C 97 -8.88 -1.66 8.27
CA ARG C 97 -8.01 -2.66 8.94
C ARG C 97 -7.30 -2.06 10.15
N PHE C 98 -7.13 -2.82 11.22
CA PHE C 98 -6.46 -2.38 12.46
C PHE C 98 -5.26 -3.27 12.81
N GLU C 99 -4.08 -2.69 12.97
CA GLU C 99 -2.86 -3.37 13.43
C GLU C 99 -2.96 -3.76 14.92
N GLY C 100 -2.86 -5.05 15.24
CA GLY C 100 -2.76 -5.54 16.61
C GLY C 100 -4.06 -5.64 17.43
N ILE C 101 -5.25 -5.60 16.81
CA ILE C 101 -6.54 -5.78 17.49
C ILE C 101 -7.16 -7.14 17.09
N LYS C 102 -7.50 -7.99 18.07
CA LYS C 102 -8.12 -9.31 17.88
C LYS C 102 -9.59 -9.23 17.47
N VAL C 103 -10.08 -10.19 16.68
CA VAL C 103 -11.51 -10.30 16.30
C VAL C 103 -12.43 -10.33 17.52
N LYS C 104 -12.11 -11.12 18.56
CA LYS C 104 -12.94 -11.18 19.77
C LYS C 104 -12.96 -9.90 20.61
N ASN C 105 -11.95 -9.03 20.52
CA ASN C 105 -11.94 -7.73 21.19
C ASN C 105 -12.70 -6.67 20.36
N TYR C 106 -12.60 -6.73 19.03
CA TYR C 106 -13.34 -5.85 18.14
C TYR C 106 -14.87 -5.99 18.27
N LEU C 107 -15.39 -7.22 18.40
CA LEU C 107 -16.85 -7.46 18.54
C LEU C 107 -17.44 -7.04 19.89
N MET C 108 -16.64 -6.68 20.90
CA MET C 108 -17.13 -6.16 22.18
C MET C 108 -17.37 -4.64 22.18
N LEU C 109 -16.85 -3.89 21.20
CA LEU C 109 -17.10 -2.46 21.07
C LEU C 109 -18.55 -2.19 20.64
N GLY C 110 -19.26 -1.35 21.40
CA GLY C 110 -20.63 -0.95 21.08
C GLY C 110 -21.69 -2.03 21.29
N MET C 111 -21.36 -3.19 21.85
CA MET C 111 -22.31 -4.29 22.09
C MET C 111 -23.52 -3.81 22.90
N ASN C 112 -24.72 -4.26 22.51
CA ASN C 112 -25.99 -3.80 23.08
C ASN C 112 -26.03 -3.94 24.60
N GLU C 113 -26.66 -2.99 25.27
CA GLU C 113 -26.77 -2.89 26.72
C GLU C 113 -27.50 -4.08 27.38
N LYS C 114 -28.23 -4.91 26.61
CA LYS C 114 -28.80 -6.19 27.06
C LYS C 114 -27.74 -7.30 27.24
N TYR C 115 -26.83 -7.44 26.27
CA TYR C 115 -25.84 -8.55 26.23
C TYR C 115 -24.55 -8.20 26.98
N LYS C 116 -24.10 -6.94 26.88
CA LYS C 116 -22.80 -6.43 27.35
C LYS C 116 -22.54 -6.64 28.86
N LYS C 117 -23.59 -6.80 29.66
CA LYS C 117 -23.53 -6.87 31.13
C LYS C 117 -22.82 -8.09 31.72
N ASP C 118 -22.75 -9.21 31.02
CA ASP C 118 -22.18 -10.46 31.56
C ASP C 118 -21.35 -11.24 30.53
N LYS C 119 -20.24 -11.85 30.98
CA LYS C 119 -19.23 -12.49 30.12
C LYS C 119 -19.78 -13.69 29.35
N GLU C 120 -20.61 -14.53 29.99
CA GLU C 120 -21.21 -15.69 29.33
C GLU C 120 -22.17 -15.27 28.21
N ILE C 121 -23.07 -14.34 28.51
CA ILE C 121 -24.09 -13.85 27.58
C ILE C 121 -23.43 -13.15 26.38
N ALA C 122 -22.33 -12.42 26.60
CA ALA C 122 -21.55 -11.81 25.54
C ALA C 122 -20.76 -12.83 24.69
N GLU C 123 -20.08 -13.81 25.30
CA GLU C 123 -19.31 -14.83 24.56
C GLU C 123 -20.20 -15.74 23.69
N GLU C 124 -21.40 -16.10 24.15
CA GLU C 124 -22.36 -16.84 23.32
C GLU C 124 -22.98 -15.98 22.22
N LYS C 125 -23.23 -14.68 22.46
CA LYS C 125 -23.70 -13.76 21.42
C LYS C 125 -22.69 -13.64 20.27
N ILE C 126 -21.38 -13.65 20.56
CA ILE C 126 -20.33 -13.63 19.54
C ILE C 126 -20.29 -14.94 18.75
N ARG C 127 -20.40 -16.11 19.39
CA ARG C 127 -20.46 -17.40 18.69
C ARG C 127 -21.69 -17.54 17.79
N GLU C 128 -22.87 -17.17 18.27
CA GLU C 128 -24.10 -17.11 17.45
C GLU C 128 -23.94 -16.21 16.22
N ALA C 129 -23.36 -15.01 16.39
CA ALA C 129 -23.18 -14.06 15.31
C ALA C 129 -22.19 -14.55 14.23
N LEU C 130 -21.11 -15.25 14.60
CA LEU C 130 -20.13 -15.81 13.65
C LEU C 130 -20.70 -16.99 12.85
N LYS C 131 -21.38 -17.94 13.50
CA LYS C 131 -22.07 -19.03 12.79
C LYS C 131 -23.16 -18.52 11.83
N LEU C 132 -23.90 -17.48 12.20
CA LEU C 132 -24.95 -16.89 11.35
C LEU C 132 -24.42 -16.25 10.05
N VAL C 133 -23.14 -15.84 9.98
CA VAL C 133 -22.47 -15.38 8.74
C VAL C 133 -21.58 -16.46 8.07
N ASN C 134 -21.68 -17.73 8.48
CA ASN C 134 -20.89 -18.88 7.99
C ASN C 134 -19.37 -18.84 8.28
N LEU C 135 -18.93 -18.32 9.43
CA LEU C 135 -17.53 -18.38 9.90
C LEU C 135 -17.42 -19.27 11.15
N ASP C 136 -16.44 -20.16 11.20
CA ASP C 136 -16.22 -21.06 12.35
C ASP C 136 -15.55 -20.32 13.53
N PRO C 137 -16.19 -20.12 14.69
CA PRO C 137 -15.61 -19.32 15.77
C PRO C 137 -14.21 -19.79 16.21
N ASP C 138 -14.00 -21.10 16.32
CA ASP C 138 -12.75 -21.69 16.80
C ASP C 138 -11.55 -21.43 15.87
N LYS C 139 -11.78 -21.04 14.62
CA LYS C 139 -10.74 -20.61 13.67
C LYS C 139 -10.45 -19.10 13.70
N TYR C 140 -11.38 -18.26 14.14
CA TYR C 140 -11.33 -16.80 13.90
C TYR C 140 -11.24 -15.93 15.15
N LEU C 141 -11.71 -16.36 16.33
CA LEU C 141 -11.73 -15.51 17.54
C LEU C 141 -10.35 -14.96 17.94
N ASP C 142 -9.29 -15.74 17.79
CA ASP C 142 -7.92 -15.37 18.17
C ASP C 142 -7.07 -14.77 17.04
N ARG C 143 -7.63 -14.56 15.84
CA ARG C 143 -6.96 -13.86 14.73
C ARG C 143 -7.05 -12.33 14.86
N TYR C 144 -6.15 -11.60 14.21
CA TYR C 144 -6.16 -10.12 14.15
C TYR C 144 -7.01 -9.58 13.01
N VAL C 145 -7.59 -8.39 13.18
CA VAL C 145 -8.44 -7.68 12.20
C VAL C 145 -7.59 -6.85 11.22
N ASP C 146 -6.47 -7.41 10.77
CA ASP C 146 -5.45 -6.74 9.96
C ASP C 146 -5.47 -7.16 8.48
N GLU C 147 -4.44 -6.77 7.72
CA GLU C 147 -4.26 -7.08 6.29
C GLU C 147 -4.05 -8.58 5.95
N THR C 148 -3.96 -9.48 6.94
CA THR C 148 -3.86 -10.93 6.69
C THR C 148 -5.20 -11.64 6.47
N LEU C 149 -6.35 -11.04 6.83
CA LEU C 149 -7.67 -11.51 6.38
C LEU C 149 -7.88 -11.22 4.89
N SER C 150 -8.59 -12.08 4.17
CA SER C 150 -9.10 -11.77 2.82
C SER C 150 -10.29 -10.79 2.86
N GLY C 151 -10.60 -10.15 1.72
CA GLY C 151 -11.68 -9.17 1.62
C GLY C 151 -13.07 -9.70 2.00
N GLY C 152 -13.39 -10.95 1.63
CA GLY C 152 -14.63 -11.63 2.02
C GLY C 152 -14.72 -11.96 3.51
N GLU C 153 -13.62 -12.33 4.16
CA GLU C 153 -13.60 -12.57 5.60
C GLU C 153 -13.84 -11.28 6.41
N ARG C 154 -13.16 -10.17 6.06
CA ARG C 154 -13.31 -8.88 6.78
C ARG C 154 -14.73 -8.32 6.70
N LYS C 155 -15.40 -8.43 5.56
CA LYS C 155 -16.79 -7.98 5.35
C LYS C 155 -17.81 -8.85 6.09
N ARG C 156 -17.62 -10.17 6.23
CA ARG C 156 -18.45 -11.02 7.10
C ARG C 156 -18.30 -10.66 8.59
N ILE C 157 -17.10 -10.32 9.07
CA ILE C 157 -16.87 -9.85 10.46
C ILE C 157 -17.61 -8.53 10.75
N GLU C 158 -17.69 -7.60 9.79
CA GLU C 158 -18.41 -6.33 10.01
C GLU C 158 -19.93 -6.52 10.16
N LEU C 159 -20.53 -7.46 9.44
CA LEU C 159 -21.95 -7.80 9.60
C LEU C 159 -22.24 -8.55 10.93
N ALA C 160 -21.30 -9.34 11.46
CA ALA C 160 -21.41 -9.89 12.81
C ALA C 160 -21.34 -8.81 13.92
N SER C 161 -20.73 -7.65 13.65
CA SER C 161 -20.70 -6.51 14.58
C SER C 161 -22.06 -5.82 14.68
N ILE C 162 -22.76 -5.57 13.57
CA ILE C 162 -24.13 -5.03 13.55
C ILE C 162 -25.12 -5.91 14.35
N ILE C 163 -25.00 -7.24 14.28
CA ILE C 163 -25.81 -8.18 15.07
C ILE C 163 -25.55 -8.03 16.59
N CYS C 164 -24.32 -7.71 17.02
CA CYS C 164 -24.00 -7.49 18.42
C CYS C 164 -24.43 -6.11 18.95
N MET C 165 -24.40 -5.06 18.13
CA MET C 165 -24.86 -3.72 18.52
C MET C 165 -26.39 -3.60 18.59
N GLU C 166 -27.11 -4.22 17.65
CA GLU C 166 -28.58 -4.25 17.56
C GLU C 166 -29.22 -2.83 17.65
N PRO C 167 -28.93 -1.95 16.68
CA PRO C 167 -29.35 -0.54 16.70
C PRO C 167 -30.85 -0.37 16.48
N ASP C 168 -31.37 0.85 16.68
CA ASP C 168 -32.73 1.21 16.23
C ASP C 168 -32.80 1.49 14.72
N LEU C 169 -31.74 2.07 14.13
CA LEU C 169 -31.60 2.27 12.70
C LEU C 169 -30.20 1.87 12.24
N ALA C 170 -30.09 1.06 11.18
CA ALA C 170 -28.83 0.69 10.55
C ALA C 170 -28.80 1.10 9.08
N ILE C 171 -27.66 1.62 8.60
CA ILE C 171 -27.42 1.95 7.19
C ILE C 171 -26.36 0.99 6.61
N LEU C 172 -26.71 0.26 5.54
CA LEU C 172 -25.82 -0.67 4.85
C LEU C 172 -25.58 -0.19 3.41
N ASP C 173 -24.33 0.13 3.05
CA ASP C 173 -23.96 0.52 1.68
C ASP C 173 -23.36 -0.70 0.95
N GLU C 174 -24.12 -1.31 0.04
CA GLU C 174 -23.81 -2.57 -0.66
C GLU C 174 -23.42 -3.74 0.28
N PRO C 175 -24.35 -4.28 1.07
CA PRO C 175 -24.05 -5.37 2.01
C PRO C 175 -23.60 -6.68 1.35
N ASP C 176 -23.91 -6.92 0.07
CA ASP C 176 -23.47 -8.09 -0.69
C ASP C 176 -22.13 -7.90 -1.44
N SER C 177 -21.67 -6.66 -1.68
CA SER C 177 -20.40 -6.43 -2.39
C SER C 177 -19.21 -6.97 -1.59
N GLY C 178 -18.30 -7.66 -2.28
CA GLY C 178 -17.07 -8.21 -1.71
C GLY C 178 -17.22 -9.48 -0.87
N ILE C 179 -18.43 -9.99 -0.65
CA ILE C 179 -18.65 -11.30 0.00
C ILE C 179 -18.66 -12.40 -1.08
N ASP C 180 -18.05 -13.54 -0.79
CA ASP C 180 -18.02 -14.74 -1.64
C ASP C 180 -19.32 -15.58 -1.53
N ILE C 181 -20.48 -14.96 -1.77
CA ILE C 181 -21.78 -15.62 -1.54
C ILE C 181 -22.00 -16.85 -2.43
N VAL C 182 -22.53 -17.92 -1.82
CA VAL C 182 -23.07 -19.11 -2.50
C VAL C 182 -24.38 -18.75 -3.21
N SER C 183 -25.25 -18.01 -2.52
CA SER C 183 -26.51 -17.43 -3.02
C SER C 183 -27.00 -16.31 -2.11
N PHE C 184 -27.92 -15.46 -2.58
CA PHE C 184 -28.49 -14.37 -1.79
C PHE C 184 -29.32 -14.82 -0.56
N ASP C 185 -29.68 -16.10 -0.46
CA ASP C 185 -30.30 -16.66 0.75
C ASP C 185 -29.37 -16.62 1.98
N GLU C 186 -28.05 -16.45 1.82
CA GLU C 186 -27.16 -16.12 2.94
C GLU C 186 -27.47 -14.74 3.54
N ILE C 187 -27.75 -13.74 2.70
CA ILE C 187 -27.99 -12.35 3.12
C ILE C 187 -29.40 -12.17 3.69
N LYS C 188 -30.44 -12.66 3.00
CA LYS C 188 -31.84 -12.52 3.44
C LYS C 188 -32.09 -13.13 4.83
N ARG C 189 -31.33 -14.16 5.22
CA ARG C 189 -31.34 -14.76 6.57
C ARG C 189 -30.90 -13.79 7.68
N VAL C 190 -29.98 -12.87 7.39
CA VAL C 190 -29.57 -11.80 8.32
C VAL C 190 -30.65 -10.72 8.43
N PHE C 191 -31.22 -10.28 7.31
CA PHE C 191 -32.31 -9.29 7.31
C PHE C 191 -33.56 -9.80 8.07
N ASP C 192 -33.92 -11.07 7.92
CA ASP C 192 -34.96 -11.74 8.73
C ASP C 192 -34.63 -11.75 10.24
N TYR C 193 -33.38 -11.99 10.61
CA TYR C 193 -32.97 -12.03 12.02
C TYR C 193 -33.05 -10.65 12.69
N LEU C 194 -32.59 -9.59 12.02
CA LEU C 194 -32.64 -8.22 12.56
C LEU C 194 -34.09 -7.71 12.67
N LYS C 195 -34.93 -7.89 11.64
CA LYS C 195 -36.34 -7.46 11.68
C LYS C 195 -37.12 -8.16 12.81
N ASP C 196 -36.82 -9.43 13.09
CA ASP C 196 -37.42 -10.16 14.21
C ASP C 196 -37.14 -9.53 15.59
N LYS C 197 -36.04 -8.80 15.76
CA LYS C 197 -35.69 -8.07 17.01
C LYS C 197 -36.22 -6.63 17.08
N GLY C 198 -36.85 -6.13 16.01
CA GLY C 198 -37.45 -4.80 15.94
C GLY C 198 -36.60 -3.70 15.28
N CYS C 199 -35.43 -3.99 14.71
CA CYS C 199 -34.61 -2.99 14.02
C CYS C 199 -35.30 -2.44 12.77
N SER C 200 -34.97 -1.22 12.36
CA SER C 200 -35.31 -0.65 11.05
C SER C 200 -34.07 -0.56 10.16
N LEU C 201 -34.16 -0.98 8.90
CA LEU C 201 -33.02 -1.03 7.98
C LEU C 201 -33.17 -0.05 6.81
N LEU C 202 -32.13 0.75 6.54
CA LEU C 202 -31.93 1.40 5.26
C LEU C 202 -30.86 0.63 4.47
N VAL C 203 -31.24 0.08 3.31
CA VAL C 203 -30.34 -0.70 2.45
C VAL C 203 -30.10 0.03 1.14
N ILE C 204 -28.86 0.29 0.79
CA ILE C 204 -28.49 0.79 -0.54
C ILE C 204 -27.91 -0.38 -1.32
N THR C 205 -28.51 -0.72 -2.46
CA THR C 205 -28.17 -1.93 -3.21
C THR C 205 -28.39 -1.79 -4.72
N HIS C 206 -27.65 -2.58 -5.50
CA HIS C 206 -27.73 -2.73 -6.96
C HIS C 206 -28.37 -4.05 -7.40
N ARG C 207 -28.92 -4.83 -6.46
CA ARG C 207 -29.55 -6.14 -6.70
C ARG C 207 -31.07 -6.05 -6.65
N GLU C 208 -31.75 -6.44 -7.73
CA GLU C 208 -33.21 -6.53 -7.73
C GLU C 208 -33.70 -7.70 -6.85
N GLU C 209 -32.84 -8.71 -6.66
CA GLU C 209 -33.05 -9.89 -5.82
C GLU C 209 -33.21 -9.54 -4.33
N LEU C 210 -32.45 -8.57 -3.82
CA LEU C 210 -32.60 -8.07 -2.45
C LEU C 210 -33.70 -7.00 -2.33
N ALA C 211 -33.90 -6.15 -3.34
CA ALA C 211 -34.97 -5.16 -3.34
C ALA C 211 -36.38 -5.79 -3.24
N GLU C 212 -36.62 -6.93 -3.89
CA GLU C 212 -37.87 -7.70 -3.77
C GLU C 212 -38.22 -8.07 -2.32
N HIS C 213 -37.21 -8.18 -1.45
CA HIS C 213 -37.38 -8.60 -0.06
C HIS C 213 -37.74 -7.44 0.90
N ALA C 214 -37.60 -6.18 0.48
CA ALA C 214 -37.89 -5.01 1.29
C ALA C 214 -39.40 -4.74 1.45
N ASP C 215 -39.80 -4.05 2.51
CA ASP C 215 -41.19 -3.63 2.74
C ASP C 215 -41.61 -2.48 1.82
N ARG C 216 -40.70 -1.55 1.51
CA ARG C 216 -40.85 -0.43 0.58
C ARG C 216 -39.54 -0.14 -0.16
N VAL C 217 -39.64 0.43 -1.36
CA VAL C 217 -38.49 0.78 -2.20
C VAL C 217 -38.62 2.21 -2.73
N SER C 218 -37.49 2.91 -2.89
CA SER C 218 -37.41 4.28 -3.40
C SER C 218 -36.31 4.44 -4.45
N LEU C 219 -36.60 5.21 -5.51
CA LEU C 219 -35.71 5.40 -6.66
C LEU C 219 -35.15 6.83 -6.63
N ILE C 220 -33.82 6.96 -6.54
CA ILE C 220 -33.12 8.25 -6.54
C ILE C 220 -32.31 8.39 -7.81
N CYS C 221 -32.51 9.47 -8.58
CA CYS C 221 -31.77 9.73 -9.82
C CYS C 221 -31.31 11.19 -9.88
N ALA C 222 -30.06 11.43 -10.28
CA ALA C 222 -29.45 12.76 -10.40
C ALA C 222 -29.60 13.68 -9.16
N GLY C 223 -29.65 13.11 -7.95
CA GLY C 223 -29.82 13.84 -6.70
C GLY C 223 -31.27 14.20 -6.33
N GLU C 224 -32.28 13.68 -7.04
CA GLU C 224 -33.70 13.82 -6.73
C GLU C 224 -34.40 12.47 -6.53
N VAL C 225 -35.37 12.39 -5.63
CA VAL C 225 -36.25 11.22 -5.49
C VAL C 225 -37.29 11.22 -6.61
N ILE C 226 -37.39 10.14 -7.38
CA ILE C 226 -38.29 10.05 -8.53
C ILE C 226 -39.64 9.41 -8.15
N LYS C 227 -39.63 8.17 -7.66
CA LYS C 227 -40.82 7.38 -7.30
C LYS C 227 -40.51 6.46 -6.12
N SER C 228 -41.51 6.15 -5.30
CA SER C 228 -41.39 5.17 -4.20
C SER C 228 -42.72 4.47 -3.92
N GLY C 229 -42.66 3.30 -3.28
CA GLY C 229 -43.82 2.48 -2.95
C GLY C 229 -43.51 0.98 -2.95
N ASP C 230 -44.41 0.19 -3.50
CA ASP C 230 -44.28 -1.26 -3.63
C ASP C 230 -43.09 -1.63 -4.55
N PRO C 231 -42.19 -2.56 -4.15
CA PRO C 231 -41.07 -3.00 -5.00
C PRO C 231 -41.51 -3.48 -6.39
N LYS C 232 -42.68 -4.12 -6.50
CA LYS C 232 -43.22 -4.66 -7.76
C LYS C 232 -43.62 -3.57 -8.77
N GLU C 233 -43.97 -2.36 -8.30
CA GLU C 233 -44.14 -1.21 -9.20
C GLU C 233 -42.80 -0.56 -9.56
N VAL C 234 -42.05 -0.12 -8.55
CA VAL C 234 -40.94 0.83 -8.76
C VAL C 234 -39.72 0.20 -9.45
N GLY C 235 -39.42 -1.08 -9.20
CA GLY C 235 -38.34 -1.78 -9.91
C GLY C 235 -38.63 -1.97 -11.41
N GLU C 236 -39.87 -2.30 -11.76
CA GLU C 236 -40.30 -2.47 -13.15
C GLU C 236 -40.46 -1.14 -13.91
N PHE C 237 -40.81 -0.07 -13.19
CA PHE C 237 -40.78 1.31 -13.70
C PHE C 237 -39.34 1.79 -13.96
N TYR C 238 -38.42 1.50 -13.04
CA TYR C 238 -36.99 1.80 -13.16
C TYR C 238 -36.31 1.09 -14.35
N LYS C 239 -36.71 -0.16 -14.62
CA LYS C 239 -36.11 -1.01 -15.67
C LYS C 239 -36.19 -0.39 -17.09
N LYS C 240 -37.21 0.43 -17.37
CA LYS C 240 -37.35 1.21 -18.61
C LYS C 240 -37.09 2.70 -18.35
N LYS D 33 19.56 -24.36 38.64
CA LYS D 33 18.31 -23.66 38.26
C LYS D 33 18.22 -23.48 36.74
N GLY D 34 19.06 -22.61 36.15
CA GLY D 34 19.18 -22.38 34.72
C GLY D 34 20.32 -21.39 34.43
N PRO D 35 20.89 -21.36 33.21
CA PRO D 35 22.07 -20.57 32.91
C PRO D 35 21.77 -19.06 32.97
N ARG D 36 22.52 -18.33 33.81
CA ARG D 36 22.20 -16.92 34.15
C ARG D 36 23.40 -16.06 34.58
N ILE D 37 23.24 -14.75 34.45
CA ILE D 37 24.11 -13.67 34.99
C ILE D 37 23.23 -12.66 35.75
N ILE D 38 23.57 -12.32 37.00
CA ILE D 38 22.78 -11.37 37.82
C ILE D 38 23.67 -10.29 38.46
N VAL D 39 23.26 -9.02 38.33
CA VAL D 39 23.97 -7.85 38.85
C VAL D 39 23.01 -6.93 39.64
N LYS D 40 23.41 -6.46 40.83
CA LYS D 40 22.74 -5.35 41.53
C LYS D 40 23.75 -4.50 42.32
N GLU D 41 23.48 -3.21 42.51
CA GLU D 41 24.45 -2.29 43.15
C GLU D 41 25.83 -2.30 42.45
N SER D 42 25.81 -2.39 41.11
CA SER D 42 26.99 -2.53 40.22
C SER D 42 27.90 -3.74 40.50
N ARG D 43 27.45 -4.75 41.24
CA ARG D 43 28.23 -5.91 41.68
C ARG D 43 27.59 -7.22 41.18
N ILE D 44 28.40 -8.15 40.64
CA ILE D 44 27.94 -9.50 40.27
C ILE D 44 27.51 -10.25 41.53
N ILE D 45 26.29 -10.78 41.54
CA ILE D 45 25.75 -11.53 42.70
C ILE D 45 25.55 -13.03 42.40
N ASP D 46 25.37 -13.42 41.13
CA ASP D 46 25.39 -14.83 40.71
C ASP D 46 25.70 -14.99 39.21
N VAL D 47 26.56 -15.95 38.85
CA VAL D 47 26.70 -16.49 37.49
C VAL D 47 26.72 -18.02 37.56
N GLN D 48 25.93 -18.71 36.72
CA GLN D 48 25.76 -20.17 36.75
C GLN D 48 25.53 -20.72 35.33
N GLY D 49 26.03 -21.92 35.05
CA GLY D 49 25.94 -22.60 33.74
C GLY D 49 25.25 -23.96 33.77
N ASP D 50 25.35 -24.69 32.65
CA ASP D 50 24.68 -25.97 32.39
C ASP D 50 25.44 -26.79 31.33
N GLU D 51 25.20 -28.10 31.22
CA GLU D 51 25.98 -28.99 30.34
C GLU D 51 25.83 -28.61 28.85
N GLY D 52 26.96 -28.31 28.19
CA GLY D 52 27.00 -27.79 26.82
C GLY D 52 27.15 -26.27 26.68
N ILE D 53 27.06 -25.49 27.76
CA ILE D 53 27.24 -24.03 27.74
C ILE D 53 28.10 -23.53 28.91
N ILE D 54 29.08 -22.68 28.62
CA ILE D 54 30.02 -22.11 29.61
C ILE D 54 29.68 -20.63 29.84
N LEU D 55 29.51 -20.22 31.09
CA LEU D 55 29.31 -18.81 31.48
C LEU D 55 30.37 -18.36 32.49
N GLU D 56 30.86 -17.13 32.36
CA GLU D 56 31.86 -16.53 33.27
C GLU D 56 31.58 -15.05 33.53
N GLY D 57 32.05 -14.50 34.66
CA GLY D 57 32.04 -13.05 34.89
C GLY D 57 32.85 -12.56 36.08
N LYS D 58 33.38 -11.32 35.99
CA LYS D 58 34.27 -10.68 36.99
C LYS D 58 34.29 -9.15 36.85
N GLU D 59 34.83 -8.44 37.85
CA GLU D 59 35.02 -6.98 37.82
C GLU D 59 36.49 -6.60 37.57
N GLU D 60 36.74 -5.73 36.58
CA GLU D 60 38.07 -5.22 36.24
C GLU D 60 38.00 -3.77 35.73
N ASP D 61 38.95 -2.92 36.14
CA ASP D 61 39.15 -1.57 35.58
C ASP D 61 37.88 -0.67 35.57
N GLY D 62 37.02 -0.83 36.58
CA GLY D 62 35.75 -0.11 36.69
C GLY D 62 34.59 -0.65 35.84
N LYS D 63 34.72 -1.85 35.27
CA LYS D 63 33.74 -2.50 34.37
C LYS D 63 33.48 -3.94 34.79
N ILE D 64 32.29 -4.46 34.47
CA ILE D 64 31.99 -5.89 34.50
C ILE D 64 32.47 -6.53 33.19
N LYS D 65 33.19 -7.66 33.28
CA LYS D 65 33.54 -8.55 32.16
C LYS D 65 32.68 -9.81 32.25
N ALA D 66 32.11 -10.28 31.14
CA ALA D 66 31.35 -11.55 31.10
C ALA D 66 31.52 -12.33 29.79
N LYS D 67 31.38 -13.66 29.86
CA LYS D 67 31.55 -14.61 28.74
C LYS D 67 30.38 -15.58 28.62
N ILE D 68 29.96 -15.91 27.40
CA ILE D 68 29.10 -17.07 27.10
C ILE D 68 29.69 -17.88 25.93
N ILE D 69 30.00 -19.17 26.11
CA ILE D 69 30.46 -20.07 25.03
C ILE D 69 29.51 -21.26 24.88
N VAL D 70 29.01 -21.55 23.68
CA VAL D 70 28.16 -22.74 23.39
C VAL D 70 28.91 -23.78 22.57
N LYS D 71 28.97 -25.02 23.04
CA LYS D 71 29.71 -26.13 22.42
C LYS D 71 29.04 -26.62 21.11
N LYS D 72 29.85 -27.19 20.22
CA LYS D 72 29.44 -27.63 18.86
C LYS D 72 28.27 -28.64 18.89
N GLY D 73 27.22 -28.37 18.11
CA GLY D 73 26.05 -29.24 17.94
C GLY D 73 24.96 -29.18 19.03
N TYR D 74 25.10 -28.39 20.08
CA TYR D 74 24.10 -28.32 21.17
C TYR D 74 22.91 -27.40 20.87
N LYS D 75 21.71 -27.77 21.33
CA LYS D 75 20.49 -26.96 21.29
C LYS D 75 19.72 -27.11 22.61
N PHE D 76 19.09 -26.04 23.10
CA PHE D 76 18.49 -26.00 24.45
C PHE D 76 16.99 -25.69 24.41
N LYS D 77 16.27 -26.21 25.42
CA LYS D 77 14.81 -26.08 25.59
C LYS D 77 14.35 -24.72 26.13
N TYR D 78 15.29 -23.85 26.53
CA TYR D 78 15.05 -22.65 27.32
C TYR D 78 15.83 -21.42 26.84
N PRO D 79 15.45 -20.20 27.29
CA PRO D 79 16.32 -19.04 27.26
C PRO D 79 17.33 -18.99 28.43
N ILE D 80 18.49 -18.38 28.18
CA ILE D 80 19.48 -17.88 29.15
C ILE D 80 18.98 -16.55 29.75
N HIS D 81 19.23 -16.25 31.04
CA HIS D 81 18.80 -14.99 31.68
C HIS D 81 19.93 -14.02 32.09
N MET D 82 19.77 -12.74 31.78
CA MET D 82 20.51 -11.60 32.37
C MET D 82 19.58 -10.74 33.25
N CYS D 83 20.03 -10.30 34.42
CA CYS D 83 19.24 -9.42 35.28
C CYS D 83 20.04 -8.24 35.82
N PHE D 84 19.45 -7.04 35.76
CA PHE D 84 19.97 -5.80 36.34
C PHE D 84 18.92 -5.09 37.21
N GLY D 85 19.29 -4.67 38.42
CA GLY D 85 18.41 -3.93 39.34
C GLY D 85 19.13 -2.84 40.14
N ILE D 86 18.52 -1.66 40.25
CA ILE D 86 19.04 -0.50 40.99
C ILE D 86 17.94 0.08 41.88
N THR D 87 18.23 0.32 43.15
CA THR D 87 17.25 0.85 44.13
C THR D 87 17.83 1.95 45.01
N GLU D 88 18.86 2.67 44.54
CA GLU D 88 19.60 3.69 45.29
C GLU D 88 20.27 4.72 44.36
N GLU D 89 20.75 5.81 44.95
CA GLU D 89 21.08 7.06 44.24
C GLU D 89 22.46 7.04 43.56
N ASN D 90 22.62 7.81 42.47
CA ASN D 90 23.93 8.15 41.88
C ASN D 90 24.78 6.97 41.33
N ILE D 91 24.17 5.82 41.01
CA ILE D 91 24.85 4.62 40.50
C ILE D 91 25.23 4.73 39.01
N SER D 92 26.44 4.30 38.67
CA SER D 92 26.91 4.13 37.28
C SER D 92 27.50 2.74 37.07
N GLN D 93 27.04 1.99 36.06
CA GLN D 93 27.55 0.64 35.77
C GLN D 93 27.86 0.43 34.27
N ILE D 94 29.00 -0.23 34.01
CA ILE D 94 29.55 -0.50 32.68
C ILE D 94 29.74 -2.02 32.49
N ILE D 95 29.20 -2.62 31.42
CA ILE D 95 29.37 -4.06 31.13
C ILE D 95 29.99 -4.26 29.74
N ASP D 96 31.07 -5.03 29.65
CA ASP D 96 31.59 -5.57 28.38
C ASP D 96 31.35 -7.09 28.33
N VAL D 97 30.68 -7.59 27.29
CA VAL D 97 30.26 -9.00 27.17
C VAL D 97 30.59 -9.63 25.81
N GLU D 98 31.06 -10.88 25.82
CA GLU D 98 31.35 -11.63 24.59
C GLU D 98 30.58 -12.96 24.53
N ILE D 99 29.90 -13.23 23.40
CA ILE D 99 29.08 -14.44 23.19
C ILE D 99 29.59 -15.21 21.95
N ILE D 100 29.93 -16.49 22.13
CA ILE D 100 30.37 -17.41 21.07
C ILE D 100 29.37 -18.57 20.90
N LEU D 101 28.90 -18.78 19.67
CA LEU D 101 27.91 -19.82 19.34
C LEU D 101 28.43 -20.67 18.16
N GLU D 102 28.88 -21.91 18.42
CA GLU D 102 29.58 -22.77 17.45
C GLU D 102 28.66 -23.52 16.45
N GLU D 103 29.23 -24.31 15.55
CA GLU D 103 28.49 -24.97 14.45
C GLU D 103 27.27 -25.77 14.90
N ASP D 104 26.18 -25.66 14.12
CA ASP D 104 24.92 -26.37 14.29
C ASP D 104 24.24 -26.20 15.67
N SER D 105 24.51 -25.11 16.41
CA SER D 105 23.99 -24.87 17.77
C SER D 105 22.95 -23.73 17.90
N SER D 106 22.17 -23.71 18.98
CA SER D 106 21.08 -22.72 19.20
C SER D 106 20.96 -22.23 20.66
N ILE D 107 20.68 -20.94 20.88
CA ILE D 107 20.29 -20.35 22.20
C ILE D 107 19.28 -19.19 22.03
N SER D 108 18.60 -18.83 23.12
CA SER D 108 17.82 -17.59 23.25
C SER D 108 18.22 -16.84 24.53
N LEU D 109 18.32 -15.51 24.51
CA LEU D 109 18.83 -14.69 25.61
C LEU D 109 17.80 -13.65 26.07
N MET D 110 17.44 -13.65 27.35
CA MET D 110 16.48 -12.73 27.97
C MET D 110 17.19 -11.76 28.93
N SER D 111 16.99 -10.44 28.78
CA SER D 111 17.51 -9.45 29.73
C SER D 111 16.41 -8.53 30.30
N HIS D 112 16.35 -8.42 31.63
CA HIS D 112 15.42 -7.52 32.34
C HIS D 112 16.17 -6.41 33.08
N CYS D 113 15.82 -5.14 32.85
CA CYS D 113 16.26 -3.99 33.65
C CYS D 113 15.09 -3.35 34.42
N SER D 114 15.16 -3.26 35.74
CA SER D 114 14.20 -2.47 36.53
C SER D 114 14.89 -1.33 37.30
N PHE D 115 14.41 -0.11 37.08
CA PHE D 115 14.94 1.13 37.65
C PHE D 115 13.81 1.96 38.30
N PRO D 116 13.28 1.55 39.47
CA PRO D 116 12.13 2.20 40.11
C PRO D 116 12.39 3.61 40.64
N LYS D 117 13.63 3.94 41.05
CA LYS D 117 14.03 5.31 41.43
C LYS D 117 15.06 5.86 40.43
N GLY D 118 14.76 6.98 39.79
CA GLY D 118 15.53 7.52 38.66
C GLY D 118 16.57 8.61 39.00
N LYS D 119 17.14 8.66 40.21
CA LYS D 119 18.04 9.75 40.65
C LYS D 119 19.46 9.65 40.07
N GLY D 120 19.64 10.08 38.82
CA GLY D 120 20.96 10.33 38.22
C GLY D 120 21.79 9.08 37.97
N ILE D 121 21.27 8.12 37.21
CA ILE D 121 21.88 6.79 37.04
C ILE D 121 22.27 6.51 35.58
N LYS D 122 23.38 5.78 35.40
CA LYS D 122 23.99 5.44 34.11
C LYS D 122 24.02 3.92 33.90
N HIS D 123 23.50 3.42 32.79
CA HIS D 123 23.64 2.03 32.35
C HIS D 123 24.25 1.97 30.96
N ILE D 124 25.46 1.40 30.84
CA ILE D 124 26.23 1.31 29.58
C ILE D 124 26.63 -0.15 29.35
N MET D 125 26.39 -0.70 28.14
CA MET D 125 26.87 -2.05 27.81
C MET D 125 27.43 -2.17 26.39
N ASN D 126 28.54 -2.90 26.23
CA ASN D 126 29.18 -3.20 24.95
C ASN D 126 29.21 -4.72 24.68
N GLY D 127 28.64 -5.17 23.56
CA GLY D 127 28.55 -6.59 23.21
C GLY D 127 29.31 -6.96 21.92
N ILE D 128 30.05 -8.09 21.96
CA ILE D 128 30.60 -8.78 20.78
C ILE D 128 29.94 -10.14 20.63
N ILE D 129 29.34 -10.45 19.48
CA ILE D 129 28.62 -11.71 19.26
C ILE D 129 29.11 -12.39 17.96
N LYS D 130 29.50 -13.68 18.05
CA LYS D 130 29.88 -14.52 16.89
C LYS D 130 28.94 -15.72 16.75
N ILE D 131 28.30 -15.90 15.59
CA ILE D 131 27.54 -17.13 15.31
C ILE D 131 28.14 -17.92 14.12
N GLY D 132 28.43 -19.20 14.37
CA GLY D 132 29.01 -20.13 13.41
C GLY D 132 28.01 -20.72 12.41
N LYS D 133 28.51 -21.64 11.57
CA LYS D 133 27.76 -22.28 10.47
C LYS D 133 26.49 -22.99 10.97
N ASN D 134 25.36 -22.71 10.32
CA ASN D 134 24.01 -23.18 10.69
C ASN D 134 23.54 -22.86 12.13
N ALA D 135 24.12 -21.91 12.86
CA ALA D 135 23.71 -21.59 14.23
C ALA D 135 22.49 -20.63 14.31
N LYS D 136 21.75 -20.65 15.43
CA LYS D 136 20.56 -19.80 15.71
C LYS D 136 20.72 -18.98 16.99
N PHE D 137 20.60 -17.65 16.92
CA PHE D 137 20.63 -16.74 18.08
C PHE D 137 19.41 -15.80 18.16
N SER D 138 18.87 -15.60 19.36
CA SER D 138 17.83 -14.58 19.63
C SER D 138 18.06 -13.81 20.93
N TYR D 139 17.86 -12.49 20.92
CA TYR D 139 18.03 -11.60 22.08
C TYR D 139 16.76 -10.76 22.38
N ASN D 140 16.30 -10.73 23.63
CA ASN D 140 15.21 -9.87 24.10
C ASN D 140 15.65 -8.97 25.27
N GLU D 141 15.26 -7.70 25.23
CA GLU D 141 15.52 -6.75 26.32
C GLU D 141 14.28 -5.94 26.72
N PHE D 142 14.02 -5.89 28.04
CA PHE D 142 12.85 -5.22 28.65
C PHE D 142 13.27 -4.22 29.74
N HIS D 143 12.70 -3.01 29.73
CA HIS D 143 12.95 -1.96 30.74
C HIS D 143 11.67 -1.55 31.49
N TYR D 144 11.74 -1.49 32.81
CA TYR D 144 10.68 -0.97 33.68
C TYR D 144 11.20 0.23 34.49
N HIS D 145 10.63 1.42 34.30
CA HIS D 145 11.09 2.66 34.93
C HIS D 145 10.04 3.27 35.88
N GLY D 146 10.50 4.10 36.82
CA GLY D 146 9.64 4.93 37.68
C GLY D 146 9.16 6.24 37.05
N MET D 147 8.77 7.20 37.89
CA MET D 147 8.20 8.50 37.51
C MET D 147 9.22 9.66 37.41
N ASP D 148 10.50 9.43 37.72
CA ASP D 148 11.58 10.41 37.70
C ASP D 148 12.50 10.23 36.47
N GLY D 149 12.87 11.33 35.81
CA GLY D 149 13.40 11.35 34.45
C GLY D 149 14.91 11.48 34.28
N ASP D 150 15.72 11.40 35.34
CA ASP D 150 17.19 11.62 35.28
C ASP D 150 17.99 10.34 34.97
N ILE D 151 17.59 9.61 33.91
CA ILE D 151 18.14 8.29 33.51
C ILE D 151 18.84 8.38 32.15
N LEU D 152 19.99 7.70 32.00
CA LEU D 152 20.65 7.46 30.70
C LEU D 152 20.91 5.95 30.46
N VAL D 153 20.46 5.42 29.31
CA VAL D 153 20.72 4.04 28.86
C VAL D 153 21.43 4.00 27.49
N LYS D 154 22.58 3.30 27.41
CA LYS D 154 23.51 3.29 26.25
C LYS D 154 24.01 1.88 25.85
N PRO D 155 23.19 1.02 25.22
CA PRO D 155 23.63 -0.27 24.65
C PRO D 155 24.32 -0.14 23.26
N THR D 156 25.47 -0.80 23.08
CA THR D 156 26.22 -0.86 21.79
C THR D 156 26.58 -2.31 21.43
N VAL D 157 26.35 -2.79 20.20
CA VAL D 157 26.67 -4.18 19.82
C VAL D 157 27.21 -4.33 18.38
N LYS D 158 28.20 -5.22 18.20
CA LYS D 158 28.71 -5.69 16.88
C LYS D 158 28.53 -7.20 16.70
N VAL D 159 27.94 -7.63 15.59
CA VAL D 159 27.55 -9.03 15.33
C VAL D 159 28.19 -9.57 14.05
N GLU D 160 28.76 -10.77 14.10
CA GLU D 160 29.26 -11.54 12.95
C GLU D 160 28.43 -12.80 12.68
N ILE D 161 27.95 -13.00 11.46
CA ILE D 161 27.15 -14.19 11.06
C ILE D 161 27.82 -14.97 9.91
N ASP D 162 28.21 -16.22 10.18
CA ASP D 162 28.74 -17.18 9.19
C ASP D 162 27.63 -18.02 8.52
N GLU D 163 27.95 -18.83 7.51
CA GLU D 163 26.95 -19.32 6.53
C GLU D 163 25.75 -20.08 7.12
N GLY D 164 24.55 -19.75 6.64
CA GLY D 164 23.28 -20.30 7.11
C GLY D 164 22.84 -19.90 8.52
N GLY D 165 23.52 -18.95 9.19
CA GLY D 165 23.17 -18.50 10.55
C GLY D 165 21.94 -17.57 10.64
N ILE D 166 21.30 -17.55 11.81
CA ILE D 166 20.07 -16.78 12.09
C ILE D 166 20.27 -15.82 13.28
N TYR D 167 19.91 -14.53 13.14
CA TYR D 167 19.89 -13.52 14.21
C TYR D 167 18.52 -12.84 14.41
N ILE D 168 17.94 -12.93 15.62
CA ILE D 168 16.71 -12.23 16.04
C ILE D 168 16.99 -11.22 17.18
N SER D 169 16.52 -9.97 17.11
CA SER D 169 16.62 -9.02 18.26
C SER D 169 15.40 -8.14 18.53
N ASN D 170 15.02 -7.98 19.81
CA ASN D 170 13.90 -7.15 20.30
C ASN D 170 14.27 -6.20 21.46
N PHE D 171 14.01 -4.90 21.34
CA PHE D 171 14.08 -3.91 22.43
C PHE D 171 12.69 -3.30 22.76
N THR D 172 12.24 -3.38 24.02
CA THR D 172 10.96 -2.78 24.49
C THR D 172 11.17 -1.79 25.65
N LEU D 173 10.72 -0.54 25.49
CA LEU D 173 10.71 0.53 26.52
C LEU D 173 9.39 1.32 26.49
N THR D 174 8.32 0.82 27.12
CA THR D 174 6.96 1.42 27.03
C THR D 174 6.30 1.72 28.40
N LYS D 175 7.00 1.61 29.53
CA LYS D 175 6.43 1.83 30.87
C LYS D 175 7.34 2.72 31.75
N GLY D 176 6.73 3.71 32.41
CA GLY D 176 7.42 4.80 33.11
C GLY D 176 7.89 5.93 32.18
N ARG D 177 8.77 6.82 32.67
CA ARG D 177 9.52 7.77 31.82
C ARG D 177 10.73 7.12 31.14
N ILE D 178 11.15 7.58 29.97
CA ILE D 178 12.40 7.12 29.33
C ILE D 178 13.63 7.84 29.90
N GLY D 179 13.61 9.18 30.03
CA GLY D 179 14.83 9.95 30.25
C GLY D 179 15.57 10.16 28.92
N THR D 180 16.84 9.79 28.82
CA THR D 180 17.59 9.75 27.54
C THR D 180 17.95 8.32 27.12
N LEU D 181 17.62 7.93 25.89
CA LEU D 181 17.93 6.63 25.28
C LEU D 181 18.75 6.79 24.00
N ASP D 182 19.82 6.02 23.86
CA ASP D 182 20.70 6.07 22.68
C ASP D 182 21.23 4.67 22.27
N ILE D 183 20.76 4.10 21.15
CA ILE D 183 21.04 2.72 20.69
C ILE D 183 21.92 2.68 19.43
N GLU D 184 22.97 1.85 19.40
CA GLU D 184 23.78 1.54 18.20
C GLU D 184 23.87 0.03 17.87
N GLN D 185 23.67 -0.36 16.60
CA GLN D 185 23.95 -1.72 16.09
C GLN D 185 24.71 -1.74 14.75
N GLU D 186 25.73 -2.61 14.62
CA GLU D 186 26.41 -2.98 13.36
C GLU D 186 26.37 -4.49 13.11
N ILE D 187 25.87 -4.94 11.95
CA ILE D 187 25.79 -6.37 11.57
C ILE D 187 26.43 -6.64 10.20
N ILE D 188 27.26 -7.68 10.11
CA ILE D 188 27.85 -8.22 8.87
C ILE D 188 27.42 -9.68 8.65
N ALA D 189 26.91 -10.03 7.47
CA ALA D 189 26.36 -11.37 7.20
C ALA D 189 26.92 -12.05 5.93
N LYS D 190 27.31 -13.33 6.05
CA LYS D 190 27.70 -14.26 4.97
C LYS D 190 26.48 -14.89 4.27
N LYS D 191 26.73 -15.84 3.35
CA LYS D 191 25.72 -16.48 2.50
C LYS D 191 24.65 -17.26 3.26
N ASP D 192 23.44 -17.29 2.72
CA ASP D 192 22.24 -17.96 3.29
C ASP D 192 21.78 -17.46 4.69
N ALA D 193 22.31 -16.33 5.19
CA ALA D 193 21.98 -15.78 6.52
C ALA D 193 20.62 -15.06 6.60
N ILE D 194 20.00 -15.09 7.79
CA ILE D 194 18.69 -14.45 8.09
C ILE D 194 18.83 -13.48 9.28
N ILE D 195 18.32 -12.25 9.15
CA ILE D 195 18.30 -11.23 10.24
C ILE D 195 16.90 -10.60 10.41
N ASP D 196 16.40 -10.42 11.62
CA ASP D 196 15.34 -9.41 11.85
C ASP D 196 15.40 -8.69 13.20
N ILE D 197 15.07 -7.38 13.17
CA ILE D 197 15.26 -6.41 14.26
C ILE D 197 13.96 -5.66 14.57
N THR D 198 13.55 -5.58 15.84
CA THR D 198 12.38 -4.80 16.29
C THR D 198 12.71 -3.87 17.46
N THR D 199 12.23 -2.62 17.43
CA THR D 199 12.22 -1.69 18.59
C THR D 199 10.85 -1.03 18.83
N ARG D 200 10.43 -0.90 20.09
CA ARG D 200 9.16 -0.23 20.49
C ARG D 200 9.32 0.70 21.70
N THR D 201 8.83 1.93 21.57
CA THR D 201 8.99 3.02 22.58
C THR D 201 7.72 3.87 22.76
N TYR D 202 7.52 4.44 23.96
CA TYR D 202 6.46 5.43 24.23
C TYR D 202 6.98 6.60 25.08
N ALA D 203 7.10 7.80 24.50
CA ALA D 203 7.78 8.95 25.10
C ALA D 203 6.83 10.04 25.67
N ILE D 204 7.10 10.52 26.90
CA ILE D 204 6.27 11.51 27.63
C ILE D 204 7.12 12.64 28.24
N LYS D 205 6.48 13.73 28.67
CA LYS D 205 7.09 14.88 29.35
C LYS D 205 8.27 15.48 28.56
N GLU D 206 9.52 15.36 29.04
CA GLU D 206 10.73 15.86 28.38
C GLU D 206 11.68 14.76 27.86
N ASP D 207 11.19 13.54 27.60
CA ASP D 207 11.99 12.40 27.14
C ASP D 207 12.71 12.59 25.78
N VAL D 208 13.94 12.04 25.66
CA VAL D 208 14.81 12.08 24.46
C VAL D 208 15.12 10.67 23.94
N VAL D 209 14.84 10.37 22.67
CA VAL D 209 15.11 9.05 22.03
C VAL D 209 15.96 9.19 20.76
N LYS D 210 17.04 8.42 20.66
CA LYS D 210 17.88 8.28 19.44
C LYS D 210 18.17 6.80 19.11
N VAL D 211 18.05 6.39 17.84
CA VAL D 211 18.43 5.04 17.38
C VAL D 211 19.22 5.07 16.08
N ASN D 212 20.26 4.23 15.97
CA ASN D 212 21.17 4.19 14.83
C ASN D 212 21.59 2.74 14.48
N GLU D 213 21.09 2.20 13.36
CA GLU D 213 21.27 0.78 13.01
C GLU D 213 21.69 0.57 11.55
N VAL D 214 22.70 -0.28 11.30
CA VAL D 214 23.20 -0.58 9.94
C VAL D 214 23.46 -2.06 9.68
N VAL D 215 23.02 -2.58 8.53
CA VAL D 215 23.17 -3.98 8.09
C VAL D 215 23.86 -4.06 6.73
N LYS D 216 24.92 -4.87 6.61
CA LYS D 216 25.63 -5.13 5.33
C LYS D 216 25.39 -6.57 4.86
N LEU D 217 24.66 -6.76 3.76
CA LEU D 217 24.34 -8.08 3.18
C LEU D 217 25.42 -8.46 2.15
N ASN D 218 26.46 -9.16 2.61
CA ASN D 218 27.69 -9.40 1.82
C ASN D 218 27.77 -10.79 1.19
N GLY D 219 26.94 -11.74 1.64
CA GLY D 219 26.82 -13.08 1.05
C GLY D 219 25.62 -13.25 0.12
N GLU D 220 25.67 -14.30 -0.68
CA GLU D 220 24.58 -14.70 -1.58
C GLU D 220 23.34 -15.20 -0.81
N ASN D 221 22.14 -14.91 -1.31
CA ASN D 221 20.84 -15.28 -0.69
C ASN D 221 20.54 -14.75 0.74
N ALA D 222 21.30 -13.79 1.29
CA ALA D 222 21.03 -13.21 2.61
C ALA D 222 19.77 -12.32 2.66
N LYS D 223 18.99 -12.36 3.76
CA LYS D 223 17.71 -11.63 3.91
C LYS D 223 17.60 -10.87 5.23
N CYS D 224 16.98 -9.68 5.25
CA CYS D 224 16.60 -9.04 6.53
C CYS D 224 15.30 -8.20 6.57
N ILE D 225 14.72 -8.07 7.76
CA ILE D 225 13.62 -7.13 8.10
C ILE D 225 14.03 -6.18 9.24
N ILE D 226 13.86 -4.87 9.08
CA ILE D 226 13.97 -3.86 10.18
C ILE D 226 12.60 -3.21 10.43
N LYS D 227 12.09 -3.24 11.68
CA LYS D 227 10.80 -2.65 12.05
C LYS D 227 10.84 -1.74 13.28
N SER D 228 10.22 -0.56 13.23
CA SER D 228 10.04 0.31 14.41
C SER D 228 8.61 0.86 14.56
N ARG D 229 8.13 0.90 15.82
CA ARG D 229 6.82 1.49 16.21
C ARG D 229 6.94 2.35 17.47
N GLY D 230 6.17 3.42 17.57
CA GLY D 230 6.12 4.25 18.78
C GLY D 230 5.13 5.41 18.75
N ALA D 231 4.99 6.07 19.90
CA ALA D 231 4.22 7.30 20.05
C ALA D 231 4.96 8.33 20.92
N ALA D 232 4.73 9.61 20.68
CA ALA D 232 5.36 10.74 21.35
C ALA D 232 4.36 11.83 21.78
N MET D 233 4.51 12.37 22.98
CA MET D 233 3.64 13.43 23.53
C MET D 233 4.35 14.42 24.44
N ASP D 234 3.64 15.47 24.88
CA ASP D 234 4.14 16.58 25.70
C ASP D 234 5.26 17.39 25.01
N ASN D 235 6.49 17.40 25.55
CA ASN D 235 7.66 18.12 25.04
C ASN D 235 8.78 17.17 24.52
N SER D 236 8.44 15.92 24.21
CA SER D 236 9.37 14.84 23.80
C SER D 236 10.07 15.06 22.44
N LYS D 237 11.27 14.52 22.25
CA LYS D 237 12.04 14.59 20.99
C LYS D 237 12.57 13.23 20.52
N ILE D 238 12.29 12.86 19.26
CA ILE D 238 12.62 11.55 18.66
C ILE D 238 13.47 11.75 17.38
N SER D 239 14.59 11.03 17.22
CA SER D 239 15.29 10.91 15.93
C SER D 239 15.66 9.45 15.59
N LEU D 240 15.33 8.98 14.37
CA LEU D 240 15.53 7.58 13.94
C LEU D 240 16.40 7.47 12.67
N LYS D 241 17.50 6.70 12.69
CA LYS D 241 18.40 6.47 11.54
C LYS D 241 18.61 4.98 11.24
N LEU D 242 18.16 4.50 10.08
CA LEU D 242 18.13 3.07 9.71
C LEU D 242 18.77 2.84 8.34
N LYS D 243 19.71 1.89 8.18
CA LYS D 243 20.44 1.64 6.91
C LYS D 243 20.53 0.16 6.49
N ILE D 244 20.29 -0.14 5.22
CA ILE D 244 20.61 -1.45 4.60
C ILE D 244 21.52 -1.26 3.38
N GLU D 245 22.63 -2.01 3.31
CA GLU D 245 23.47 -2.13 2.11
C GLU D 245 23.36 -3.53 1.46
N GLY D 246 22.91 -3.58 0.19
CA GLY D 246 22.78 -4.81 -0.59
C GLY D 246 23.90 -5.00 -1.61
N ASN D 247 24.91 -5.80 -1.26
CA ASN D 247 26.19 -5.89 -1.99
C ASN D 247 26.38 -7.15 -2.86
N ALA D 248 25.50 -8.16 -2.76
CA ALA D 248 25.72 -9.49 -3.31
C ALA D 248 24.46 -10.13 -3.94
N PRO D 249 24.60 -11.10 -4.87
CA PRO D 249 23.50 -11.76 -5.59
C PRO D 249 22.36 -12.30 -4.72
N TYR D 250 21.12 -12.09 -5.21
CA TYR D 250 19.87 -12.57 -4.59
C TYR D 250 19.61 -12.14 -3.14
N SER D 251 20.31 -11.13 -2.62
CA SER D 251 20.03 -10.51 -1.32
C SER D 251 18.75 -9.66 -1.32
N LYS D 252 17.99 -9.68 -0.22
CA LYS D 252 16.66 -9.02 -0.07
C LYS D 252 16.51 -8.25 1.24
N GLY D 253 15.91 -7.07 1.23
CA GLY D 253 15.68 -6.27 2.45
C GLY D 253 14.38 -5.46 2.47
N HIS D 254 13.79 -5.30 3.66
CA HIS D 254 12.65 -4.39 3.90
C HIS D 254 12.79 -3.55 5.17
N ILE D 255 12.46 -2.26 5.11
CA ILE D 255 12.35 -1.33 6.26
C ILE D 255 10.90 -0.84 6.44
N ASP D 256 10.33 -1.02 7.63
CA ASP D 256 8.95 -0.64 7.98
C ASP D 256 8.86 0.26 9.23
N CYS D 257 8.32 1.48 9.14
CA CYS D 257 8.33 2.48 10.22
C CYS D 257 6.99 3.22 10.44
N ALA D 258 6.49 3.31 11.68
CA ALA D 258 5.30 4.10 12.02
C ALA D 258 5.37 4.82 13.38
N GLU D 259 5.00 6.11 13.44
CA GLU D 259 5.10 6.95 14.64
C GLU D 259 3.87 7.87 14.83
N ILE D 260 3.28 7.92 16.04
CA ILE D 260 2.13 8.79 16.37
C ILE D 260 2.54 10.01 17.22
N VAL D 261 2.17 11.21 16.78
CA VAL D 261 2.49 12.52 17.40
C VAL D 261 1.27 13.14 18.09
N LYS D 262 1.42 13.61 19.34
CA LYS D 262 0.43 14.35 20.13
C LYS D 262 1.06 15.56 20.84
N GLY D 263 0.30 16.62 21.11
CA GLY D 263 0.78 17.78 21.88
C GLY D 263 1.84 18.62 21.16
N ASN D 264 2.92 19.00 21.86
CA ASN D 264 4.05 19.79 21.35
C ASN D 264 5.30 18.95 20.98
N ALA D 265 5.17 17.63 20.81
CA ALA D 265 6.27 16.74 20.45
C ALA D 265 6.83 16.97 19.02
N GLU D 266 8.10 16.60 18.81
CA GLU D 266 8.76 16.66 17.49
C GLU D 266 9.37 15.30 17.08
N VAL D 267 9.24 14.94 15.80
CA VAL D 267 9.75 13.67 15.24
C VAL D 267 10.58 13.91 13.98
N GLU D 268 11.73 13.26 13.87
CA GLU D 268 12.58 13.20 12.68
C GLU D 268 12.93 11.74 12.32
N SER D 269 12.82 11.33 11.05
CA SER D 269 13.30 10.01 10.60
C SER D 269 14.06 10.03 9.26
N ILE D 270 15.17 9.27 9.20
CA ILE D 270 16.08 9.20 8.02
C ILE D 270 16.41 7.73 7.66
N PRO D 271 15.57 7.05 6.86
CA PRO D 271 15.89 5.73 6.30
C PRO D 271 16.87 5.82 5.13
N ILE D 272 17.80 4.87 4.98
CA ILE D 272 18.79 4.87 3.90
C ILE D 272 18.87 3.49 3.25
N VAL D 273 18.87 3.43 1.92
CA VAL D 273 19.08 2.19 1.16
C VAL D 273 20.19 2.37 0.12
N VAL D 274 21.11 1.41 0.05
CA VAL D 274 22.20 1.35 -0.96
C VAL D 274 22.20 -0.02 -1.64
N VAL D 275 22.27 -0.06 -2.97
CA VAL D 275 22.36 -1.32 -3.73
C VAL D 275 23.47 -1.28 -4.79
N ARG D 276 24.27 -2.35 -4.91
CA ARG D 276 25.44 -2.44 -5.80
C ARG D 276 25.51 -3.73 -6.65
N ASP D 277 24.42 -4.47 -6.78
CA ASP D 277 24.34 -5.68 -7.62
C ASP D 277 23.11 -5.70 -8.53
N ASP D 278 23.27 -6.26 -9.73
CA ASP D 278 22.26 -6.48 -10.77
C ASP D 278 21.02 -7.29 -10.29
N LYS D 279 21.15 -8.09 -9.22
CA LYS D 279 20.18 -9.12 -8.77
C LYS D 279 19.61 -8.90 -7.35
N ALA D 280 19.92 -7.79 -6.69
CA ALA D 280 19.40 -7.44 -5.37
C ALA D 280 18.14 -6.56 -5.44
N ARG D 281 17.28 -6.56 -4.41
CA ARG D 281 16.15 -5.62 -4.29
C ARG D 281 15.83 -5.23 -2.84
N ILE D 282 15.64 -3.94 -2.58
CA ILE D 282 15.32 -3.37 -1.24
C ILE D 282 14.11 -2.44 -1.34
N THR D 283 13.19 -2.51 -0.36
CA THR D 283 11.98 -1.66 -0.28
C THR D 283 11.81 -1.00 1.09
N HIS D 284 11.21 0.19 1.13
CA HIS D 284 10.92 0.95 2.35
C HIS D 284 9.49 1.53 2.36
N GLU D 285 8.84 1.58 3.52
CA GLU D 285 7.53 2.20 3.75
C GLU D 285 7.46 2.97 5.11
N ALA D 286 6.92 4.19 5.15
CA ALA D 286 6.71 4.95 6.40
C ALA D 286 5.48 5.86 6.46
N ALA D 287 4.95 6.07 7.67
CA ALA D 287 3.90 7.05 7.99
C ALA D 287 4.10 7.74 9.35
N ILE D 288 4.08 9.08 9.38
CA ILE D 288 4.37 9.91 10.57
C ILE D 288 3.29 10.99 10.77
N GLY D 289 2.80 11.17 12.00
CA GLY D 289 1.88 12.27 12.36
C GLY D 289 0.68 11.85 13.20
N SER D 290 -0.52 12.33 12.86
CA SER D 290 -1.79 11.92 13.48
C SER D 290 -2.24 10.51 13.08
N VAL D 291 -3.19 9.92 13.80
CA VAL D 291 -3.89 8.68 13.39
C VAL D 291 -4.69 8.87 12.09
N ASP D 292 -4.95 7.77 11.38
CA ASP D 292 -5.72 7.79 10.13
C ASP D 292 -7.22 8.11 10.33
N LYS D 293 -7.82 8.94 9.46
CA LYS D 293 -9.16 9.48 9.66
C LYS D 293 -10.28 8.43 9.59
N LYS D 294 -10.22 7.51 8.62
CA LYS D 294 -11.18 6.42 8.45
C LYS D 294 -11.16 5.41 9.61
N GLN D 295 -9.99 5.12 10.18
CA GLN D 295 -9.89 4.31 11.40
C GLN D 295 -10.57 4.99 12.59
N LEU D 296 -10.35 6.29 12.78
CA LEU D 296 -10.95 7.05 13.87
C LEU D 296 -12.48 7.17 13.75
N GLU D 297 -13.00 7.55 12.58
CA GLU D 297 -14.45 7.67 12.33
C GLU D 297 -15.19 6.33 12.49
N THR D 298 -14.58 5.21 12.11
CA THR D 298 -15.11 3.86 12.33
C THR D 298 -15.31 3.53 13.82
N LEU D 299 -14.43 3.98 14.71
CA LEU D 299 -14.57 3.74 16.15
C LEU D 299 -15.56 4.71 16.83
N MET D 300 -15.69 5.95 16.36
CA MET D 300 -16.70 6.89 16.85
C MET D 300 -18.12 6.52 16.42
N ALA D 301 -18.31 5.97 15.20
CA ALA D 301 -19.59 5.40 14.73
C ALA D 301 -20.09 4.17 15.53
N LYS D 302 -19.27 3.60 16.42
CA LYS D 302 -19.64 2.56 17.39
C LYS D 302 -19.87 3.11 18.81
N GLY D 303 -19.88 4.43 18.99
CA GLY D 303 -20.27 5.11 20.24
C GLY D 303 -19.14 5.52 21.20
N LEU D 304 -17.87 5.36 20.84
CA LEU D 304 -16.71 5.91 21.58
C LEU D 304 -16.53 7.41 21.30
N ASP D 305 -15.86 8.13 22.20
CA ASP D 305 -15.37 9.51 21.91
C ASP D 305 -13.91 9.53 21.42
N GLU D 306 -13.47 10.66 20.88
CA GLU D 306 -12.20 10.76 20.14
C GLU D 306 -10.94 10.44 20.97
N ASP D 307 -10.96 10.63 22.29
CA ASP D 307 -9.85 10.25 23.17
C ASP D 307 -9.85 8.76 23.55
N GLU D 308 -11.02 8.12 23.61
CA GLU D 308 -11.13 6.66 23.73
C GLU D 308 -10.69 5.98 22.42
N ALA D 309 -11.12 6.50 21.28
CA ALA D 309 -10.79 5.96 19.96
C ALA D 309 -9.30 6.11 19.62
N THR D 310 -8.65 7.22 19.98
CA THR D 310 -7.21 7.42 19.73
C THR D 310 -6.35 6.47 20.54
N GLU D 311 -6.64 6.27 21.84
CA GLU D 311 -5.85 5.38 22.69
C GLU D 311 -6.02 3.88 22.39
N ILE D 312 -7.13 3.44 21.79
CA ILE D 312 -7.28 2.06 21.29
C ILE D 312 -6.34 1.79 20.11
N ILE D 313 -6.23 2.73 19.16
CA ILE D 313 -5.34 2.60 18.01
C ILE D 313 -3.85 2.54 18.45
N VAL D 314 -3.43 3.39 19.38
CA VAL D 314 -2.03 3.43 19.87
C VAL D 314 -1.62 2.13 20.57
N LYS D 315 -2.47 1.55 21.41
CA LYS D 315 -2.14 0.32 22.16
C LYS D 315 -2.06 -0.93 21.29
N GLY D 316 -2.69 -0.94 20.12
CA GLY D 316 -2.51 -1.97 19.10
C GLY D 316 -1.17 -1.87 18.39
N MET D 317 -0.78 -0.67 17.95
CA MET D 317 0.50 -0.43 17.26
C MET D 317 1.72 -0.73 18.12
N ILE D 318 1.79 -0.27 19.38
CA ILE D 318 2.91 -0.58 20.29
C ILE D 318 2.78 -1.95 20.99
N GLY D 319 1.71 -2.72 20.72
CA GLY D 319 1.53 -4.09 21.21
C GLY D 319 1.30 -4.21 22.71
N ASP D 320 0.63 -3.24 23.34
CA ASP D 320 0.42 -3.21 24.80
C ASP D 320 -0.74 -4.10 25.27
N LEU D 321 -1.85 -4.15 24.53
CA LEU D 321 -3.10 -4.84 24.90
C LEU D 321 -3.70 -5.63 23.74
#